data_3LAL
#
_entry.id   3LAL
#
_cell.length_a   118.151
_cell.length_b   154.124
_cell.length_c   153.956
_cell.angle_alpha   90.00
_cell.angle_beta   90.00
_cell.angle_gamma   90.00
#
_symmetry.space_group_name_H-M   'C 2 2 21'
#
loop_
_entity.id
_entity.type
_entity.pdbx_description
1 polymer 'HIV Reverse transcriptase'
2 non-polymer 3-{[3-ethyl-5-(1-methylethyl)-2,6-dioxo-1,2,3,6-tetrahydropyrimidin-4-yl]carbonyl}-5-methylbenzonitrile
3 non-polymer 'SULFATE ION'
4 water water
#
_entity_poly.entity_id   1
_entity_poly.type   'polypeptide(L)'
_entity_poly.pdbx_seq_one_letter_code
;PISPIETVPVKLKPGMDGPKVKQWPLTEEKIKALVEICTEMEKEGKISKIGPENPYNTPVFAIKKKDSTKWRKLVDFREL
NKRTQDFWEVQLGIPHPAGLKKKKSVTVLDVGDAYFSVPLDEDFRKYTAFTIPSINNETPGIRYQYNVLPQGWKGSPAIF
QSSMTKILEPFRKQNPDIVIYQYMDDLYVGSDLEIGQHRTKIEELRQHLLRWGLTTPDKKHQKEPPFLWMGYELHPDKWT
VQPIVLPEKDSWTVNDIQKLVGKLNWASQIYPGIKVRQLCKLLRGTKALTEVIPLTEEAELELAENREILKEPVHGVYYD
PSKDLIAEIQKQGQGQWTYQIYQEPFKNLKTGKYARMRGAHTNDVKQLTEAVQKITTESIVIWGKTPKFKLPIQKETWET
WWTEYWQATWIPEWEFVNTPPLVKLWYQLEKEPIVGAETFYVDGAANRETKLGKAGYVTNRGRQKVVTLTDTTNQKTELQ
AIYLALQDSGLEVNIVTDSQYALGIIQAQPDQSESELVNQIIEQLIKKEKVYLAWVPAHKGIGGNEQVDKLVSAGIRKVL
;
_entity_poly.pdbx_strand_id   A,B
#
loop_
_chem_comp.id
_chem_comp.type
_chem_comp.name
_chem_comp.formula
KRV non-polymer 3-{[3-ethyl-5-(1-methylethyl)-2,6-dioxo-1,2,3,6-tetrahydropyrimidin-4-yl]carbonyl}-5-methylbenzonitrile 'C18 H19 N3 O3'
SO4 non-polymer 'SULFATE ION' 'O4 S -2'
#
# COMPACT_ATOMS: atom_id res chain seq x y z
N PRO A 1 -15.96 -2.77 -40.92
CA PRO A 1 -15.24 -4.02 -41.21
C PRO A 1 -15.12 -4.86 -39.95
N ILE A 2 -14.54 -6.04 -40.09
CA ILE A 2 -14.21 -6.87 -38.95
C ILE A 2 -12.73 -7.22 -39.02
N SER A 3 -11.98 -6.78 -38.02
CA SER A 3 -10.54 -6.93 -38.02
C SER A 3 -10.10 -8.35 -38.29
N PRO A 4 -9.04 -8.49 -39.10
CA PRO A 4 -8.31 -9.73 -39.39
C PRO A 4 -7.40 -10.21 -38.25
N ILE A 5 -7.35 -9.44 -37.16
CA ILE A 5 -6.49 -9.82 -36.03
C ILE A 5 -6.96 -11.11 -35.39
N GLU A 6 -6.01 -11.96 -35.00
CA GLU A 6 -6.37 -13.24 -34.37
C GLU A 6 -7.19 -12.96 -33.12
N THR A 7 -8.07 -13.90 -32.78
CA THR A 7 -8.99 -13.71 -31.67
C THR A 7 -8.33 -14.03 -30.33
N VAL A 8 -8.93 -13.50 -29.27
CA VAL A 8 -8.52 -13.84 -27.90
C VAL A 8 -9.34 -15.02 -27.41
N PRO A 9 -8.68 -16.13 -27.03
CA PRO A 9 -9.39 -17.31 -26.54
C PRO A 9 -10.14 -17.02 -25.24
N VAL A 10 -11.42 -17.37 -25.22
CA VAL A 10 -12.28 -17.06 -24.09
C VAL A 10 -12.91 -18.34 -23.59
N LYS A 11 -13.24 -18.38 -22.31
CA LYS A 11 -13.93 -19.53 -21.77
C LYS A 11 -14.81 -19.15 -20.60
N LEU A 12 -15.73 -20.02 -20.26
CA LEU A 12 -16.62 -19.78 -19.14
C LEU A 12 -15.90 -20.14 -17.84
N LYS A 13 -16.43 -19.70 -16.70
CA LYS A 13 -15.90 -20.10 -15.41
C LYS A 13 -15.92 -21.62 -15.27
N PRO A 14 -14.92 -22.19 -14.58
CA PRO A 14 -14.67 -23.64 -14.69
C PRO A 14 -15.85 -24.56 -14.32
N GLY A 15 -16.62 -24.18 -13.31
CA GLY A 15 -17.72 -25.04 -12.89
C GLY A 15 -18.92 -25.00 -13.82
N MET A 16 -18.92 -24.05 -14.76
CA MET A 16 -20.17 -23.57 -15.34
C MET A 16 -20.39 -23.97 -16.79
N ASP A 17 -21.60 -23.69 -17.27
CA ASP A 17 -21.95 -23.88 -18.67
C ASP A 17 -22.67 -22.62 -19.15
N GLY A 18 -22.74 -22.43 -20.47
CA GLY A 18 -23.34 -21.23 -21.03
C GLY A 18 -24.82 -21.05 -20.76
N PRO A 19 -25.35 -19.82 -20.93
CA PRO A 19 -26.70 -19.50 -20.48
C PRO A 19 -27.74 -20.20 -21.33
N LYS A 20 -28.90 -20.47 -20.73
CA LYS A 20 -30.00 -21.11 -21.46
C LYS A 20 -31.30 -20.43 -21.08
N VAL A 21 -31.29 -19.11 -21.01
CA VAL A 21 -32.49 -18.35 -20.68
C VAL A 21 -33.53 -18.48 -21.79
N LYS A 22 -34.79 -18.32 -21.41
CA LYS A 22 -35.92 -18.45 -22.31
C LYS A 22 -36.22 -17.07 -22.84
N GLN A 23 -36.57 -16.98 -24.12
CA GLN A 23 -36.93 -15.71 -24.73
C GLN A 23 -38.32 -15.26 -24.29
N TRP A 24 -38.41 -14.06 -23.71
CA TRP A 24 -39.71 -13.47 -23.43
C TRP A 24 -40.39 -13.19 -24.76
N PRO A 25 -41.68 -13.50 -24.88
CA PRO A 25 -42.36 -13.17 -26.13
C PRO A 25 -42.44 -11.64 -26.30
N LEU A 26 -42.33 -11.18 -27.54
CA LEU A 26 -42.25 -9.75 -27.81
C LEU A 26 -43.38 -9.31 -28.75
N THR A 27 -43.73 -8.02 -28.71
CA THR A 27 -44.74 -7.48 -29.60
C THR A 27 -44.34 -7.56 -31.08
N GLU A 28 -45.27 -7.19 -31.97
CA GLU A 28 -45.02 -7.34 -33.39
C GLU A 28 -44.09 -6.25 -33.92
N GLU A 29 -44.27 -5.02 -33.45
CA GLU A 29 -43.39 -3.94 -33.86
C GLU A 29 -41.96 -4.23 -33.41
N LYS A 30 -41.81 -4.85 -32.25
CA LYS A 30 -40.50 -5.17 -31.71
C LYS A 30 -39.86 -6.31 -32.48
N ILE A 31 -40.62 -7.35 -32.75
CA ILE A 31 -40.14 -8.46 -33.56
C ILE A 31 -39.71 -7.94 -34.92
N LYS A 32 -40.50 -7.02 -35.47
CA LYS A 32 -40.19 -6.44 -36.77
C LYS A 32 -38.85 -5.69 -36.72
N ALA A 33 -38.72 -4.82 -35.73
CA ALA A 33 -37.54 -4.00 -35.60
C ALA A 33 -36.29 -4.86 -35.39
N LEU A 34 -36.42 -5.90 -34.58
CA LEU A 34 -35.31 -6.80 -34.34
C LEU A 34 -34.88 -7.54 -35.61
N VAL A 35 -35.86 -7.95 -36.40
CA VAL A 35 -35.56 -8.63 -37.64
C VAL A 35 -34.85 -7.69 -38.60
N GLU A 36 -35.27 -6.44 -38.63
CA GLU A 36 -34.66 -5.47 -39.53
C GLU A 36 -33.21 -5.23 -39.13
N ILE A 37 -32.95 -5.07 -37.84
CA ILE A 37 -31.61 -4.87 -37.34
C ILE A 37 -30.70 -6.09 -37.59
N CYS A 38 -31.22 -7.27 -37.27
CA CYS A 38 -30.39 -8.47 -37.35
C CYS A 38 -30.00 -8.82 -38.77
N THR A 39 -30.89 -8.52 -39.72
CA THR A 39 -30.63 -8.83 -41.12
C THR A 39 -29.51 -7.94 -41.61
N GLU A 40 -29.54 -6.68 -41.21
CA GLU A 40 -28.49 -5.73 -41.57
C GLU A 40 -27.16 -6.17 -40.96
N MET A 41 -27.16 -6.39 -39.65
CA MET A 41 -25.99 -6.91 -38.95
C MET A 41 -25.46 -8.16 -39.63
N GLU A 42 -26.35 -9.08 -39.97
CA GLU A 42 -25.94 -10.36 -40.53
C GLU A 42 -25.23 -10.19 -41.87
N LYS A 43 -25.58 -9.14 -42.59
CA LYS A 43 -25.02 -8.89 -43.91
C LYS A 43 -23.65 -8.21 -43.83
N GLU A 44 -23.34 -7.69 -42.65
CA GLU A 44 -22.02 -7.13 -42.40
C GLU A 44 -21.11 -8.15 -41.71
N GLY A 45 -21.66 -9.33 -41.45
CA GLY A 45 -20.89 -10.38 -40.83
C GLY A 45 -20.98 -10.38 -39.32
N LYS A 46 -21.61 -9.36 -38.75
CA LYS A 46 -21.57 -9.16 -37.31
C LYS A 46 -22.16 -10.37 -36.59
N ILE A 47 -23.24 -10.92 -37.14
CA ILE A 47 -23.87 -12.11 -36.56
C ILE A 47 -24.18 -13.17 -37.61
N SER A 48 -24.38 -14.40 -37.17
CA SER A 48 -24.75 -15.48 -38.08
C SER A 48 -26.02 -16.25 -37.69
N LYS A 49 -26.85 -16.56 -38.68
CA LYS A 49 -27.95 -17.49 -38.48
C LYS A 49 -27.41 -18.84 -38.02
N ILE A 50 -28.03 -19.39 -36.99
CA ILE A 50 -27.79 -20.77 -36.58
C ILE A 50 -29.13 -21.48 -36.43
N GLY A 51 -29.08 -22.79 -36.20
CA GLY A 51 -30.26 -23.48 -35.71
C GLY A 51 -29.86 -24.43 -34.60
N PRO A 52 -30.78 -24.84 -33.71
CA PRO A 52 -30.34 -25.91 -32.81
C PRO A 52 -29.80 -27.04 -33.68
N GLU A 53 -28.67 -27.64 -33.29
CA GLU A 53 -28.40 -28.04 -31.92
C GLU A 53 -28.08 -26.98 -30.83
N ASN A 54 -27.57 -25.81 -31.21
CA ASN A 54 -27.12 -24.83 -30.21
C ASN A 54 -28.19 -24.57 -29.13
N PRO A 55 -27.95 -25.07 -27.90
CA PRO A 55 -28.86 -25.12 -26.74
C PRO A 55 -29.00 -23.82 -25.99
N TYR A 56 -28.10 -22.89 -26.25
CA TYR A 56 -28.02 -21.68 -25.42
C TYR A 56 -28.96 -20.59 -25.92
N ASN A 57 -29.29 -19.67 -25.03
CA ASN A 57 -30.07 -18.52 -25.44
C ASN A 57 -29.86 -17.35 -24.50
N THR A 58 -29.96 -16.15 -25.04
CA THR A 58 -29.91 -14.92 -24.25
C THR A 58 -31.02 -14.02 -24.75
N PRO A 59 -31.86 -13.53 -23.85
CA PRO A 59 -33.01 -12.74 -24.28
C PRO A 59 -32.65 -11.47 -25.05
N VAL A 60 -33.46 -11.14 -26.06
CA VAL A 60 -33.29 -9.89 -26.81
C VAL A 60 -34.49 -8.99 -26.65
N PHE A 61 -34.25 -7.69 -26.72
CA PHE A 61 -35.30 -6.72 -26.54
C PHE A 61 -35.09 -5.62 -27.57
N ALA A 62 -36.09 -4.79 -27.81
CA ALA A 62 -35.93 -3.62 -28.66
C ALA A 62 -36.46 -2.39 -27.94
N ILE A 63 -35.70 -1.32 -27.98
CA ILE A 63 -36.15 -0.06 -27.36
C ILE A 63 -36.34 1.00 -28.44
N LYS A 64 -37.19 1.98 -28.15
CA LYS A 64 -37.42 3.08 -29.08
C LYS A 64 -36.52 4.28 -28.74
N LYS A 65 -35.52 4.50 -29.59
CA LYS A 65 -34.43 5.47 -29.36
C LYS A 65 -34.85 6.94 -29.14
N LYS A 66 -34.71 7.41 -27.90
CA LYS A 66 -35.12 8.75 -27.51
C LYS A 66 -36.55 9.09 -27.97
N ASP A 67 -36.71 10.16 -28.76
CA ASP A 67 -38.01 10.52 -29.29
C ASP A 67 -38.11 10.07 -30.74
N SER A 68 -36.94 9.86 -31.36
CA SER A 68 -36.83 9.47 -32.77
C SER A 68 -37.53 8.14 -33.08
N THR A 69 -37.69 7.86 -34.37
CA THR A 69 -38.35 6.64 -34.83
C THR A 69 -37.33 5.52 -35.09
N LYS A 70 -36.17 5.62 -34.46
CA LYS A 70 -35.14 4.59 -34.56
C LYS A 70 -35.38 3.55 -33.49
N TRP A 71 -35.11 2.29 -33.81
CA TRP A 71 -35.13 1.22 -32.81
C TRP A 71 -33.71 0.78 -32.54
N ARG A 72 -33.46 0.32 -31.32
CA ARG A 72 -32.17 -0.24 -30.99
C ARG A 72 -32.30 -1.64 -30.40
N LYS A 73 -31.36 -2.51 -30.76
CA LYS A 73 -31.31 -3.85 -30.22
C LYS A 73 -30.58 -3.87 -28.90
N LEU A 74 -31.30 -4.16 -27.83
CA LEU A 74 -30.70 -4.36 -26.53
C LEU A 74 -30.66 -5.86 -26.24
N VAL A 75 -29.48 -6.37 -25.90
CA VAL A 75 -29.36 -7.76 -25.46
C VAL A 75 -28.95 -7.86 -24.00
N ASP A 76 -29.71 -8.65 -23.24
CA ASP A 76 -29.48 -8.80 -21.82
C ASP A 76 -28.50 -9.95 -21.55
N PHE A 77 -27.25 -9.59 -21.30
CA PHE A 77 -26.19 -10.59 -21.11
C PHE A 77 -25.93 -10.94 -19.65
N ARG A 78 -26.77 -10.44 -18.75
CA ARG A 78 -26.70 -10.78 -17.33
C ARG A 78 -26.20 -12.21 -17.04
N GLU A 79 -26.81 -13.23 -17.63
CA GLU A 79 -26.42 -14.60 -17.31
C GLU A 79 -25.11 -15.04 -17.93
N LEU A 80 -24.88 -14.69 -19.19
CA LEU A 80 -23.65 -15.08 -19.84
C LEU A 80 -22.50 -14.40 -19.09
N ASN A 81 -22.73 -13.16 -18.70
CA ASN A 81 -21.75 -12.41 -17.92
C ASN A 81 -21.40 -13.06 -16.58
N LYS A 82 -22.40 -13.56 -15.85
CA LYS A 82 -22.13 -14.25 -14.60
C LYS A 82 -21.31 -15.49 -14.83
N ARG A 83 -21.40 -16.05 -16.04
CA ARG A 83 -20.79 -17.34 -16.32
C ARG A 83 -19.49 -17.20 -17.11
N THR A 84 -19.19 -15.97 -17.52
CA THR A 84 -17.97 -15.72 -18.28
C THR A 84 -16.79 -15.52 -17.33
N GLN A 85 -15.64 -16.01 -17.75
CA GLN A 85 -14.41 -15.85 -16.99
C GLN A 85 -14.13 -14.38 -16.66
N ASP A 86 -13.38 -14.15 -15.60
CA ASP A 86 -12.88 -12.81 -15.31
C ASP A 86 -11.77 -12.47 -16.30
N PHE A 87 -11.63 -11.18 -16.59
CA PHE A 87 -10.52 -10.71 -17.41
C PHE A 87 -9.68 -9.79 -16.55
N TRP A 88 -8.48 -9.46 -17.03
CA TRP A 88 -7.67 -8.47 -16.35
C TRP A 88 -8.29 -7.09 -16.53
N GLU A 89 -8.10 -6.22 -15.56
CA GLU A 89 -8.59 -4.86 -15.64
C GLU A 89 -8.18 -4.18 -16.95
N VAL A 90 -9.17 -3.59 -17.64
CA VAL A 90 -8.95 -2.88 -18.89
C VAL A 90 -7.81 -1.86 -18.79
N GLN A 91 -8.04 -0.81 -18.01
CA GLN A 91 -7.06 0.23 -17.78
C GLN A 91 -7.23 0.77 -16.37
N LEU A 92 -6.25 0.52 -15.51
CA LEU A 92 -6.34 0.95 -14.11
C LEU A 92 -5.60 2.26 -13.88
N GLY A 93 -6.37 3.34 -13.73
CA GLY A 93 -5.83 4.68 -13.75
C GLY A 93 -6.14 5.32 -15.10
N ILE A 94 -6.42 6.61 -15.12
CA ILE A 94 -6.56 7.30 -16.39
C ILE A 94 -5.62 8.50 -16.41
N PRO A 95 -5.20 8.92 -17.61
CA PRO A 95 -4.19 9.98 -17.67
C PRO A 95 -4.73 11.23 -17.02
N HIS A 96 -3.85 12.01 -16.41
CA HIS A 96 -4.19 13.32 -15.90
C HIS A 96 -3.59 14.36 -16.81
N PRO A 97 -4.36 15.40 -17.14
CA PRO A 97 -3.86 16.40 -18.09
C PRO A 97 -2.47 16.90 -17.71
N ALA A 98 -2.25 17.06 -16.40
CA ALA A 98 -1.02 17.63 -15.86
C ALA A 98 0.20 16.79 -16.23
N GLY A 99 -0.04 15.54 -16.62
CA GLY A 99 1.04 14.65 -16.97
C GLY A 99 1.38 14.63 -18.46
N LEU A 100 0.55 15.27 -19.27
CA LEU A 100 0.80 15.33 -20.71
C LEU A 100 1.96 16.27 -21.02
N LYS A 101 2.78 15.90 -22.01
CA LYS A 101 3.74 16.83 -22.56
C LYS A 101 3.06 17.73 -23.58
N LYS A 102 3.49 18.98 -23.65
CA LYS A 102 2.99 19.89 -24.68
C LYS A 102 3.37 19.33 -26.06
N LYS A 103 2.44 19.41 -27.00
CA LYS A 103 2.68 18.90 -28.35
C LYS A 103 2.48 20.00 -29.39
N LYS A 104 3.30 20.00 -30.43
CA LYS A 104 3.04 20.88 -31.57
C LYS A 104 1.72 20.49 -32.26
N SER A 105 1.54 19.20 -32.53
CA SER A 105 0.33 18.71 -33.21
C SER A 105 -0.39 17.59 -32.45
N VAL A 106 -1.70 17.74 -32.30
CA VAL A 106 -2.53 16.67 -31.73
C VAL A 106 -3.78 16.38 -32.57
N THR A 107 -4.08 15.08 -32.72
CA THR A 107 -5.25 14.64 -33.46
C THR A 107 -6.04 13.64 -32.60
N VAL A 108 -7.37 13.76 -32.61
CA VAL A 108 -8.21 12.73 -32.03
C VAL A 108 -8.75 11.79 -33.10
N LEU A 109 -8.62 10.50 -32.86
CA LEU A 109 -9.19 9.48 -33.76
C LEU A 109 -10.11 8.52 -33.01
N ASP A 110 -11.41 8.66 -33.21
CA ASP A 110 -12.34 7.70 -32.61
C ASP A 110 -12.66 6.57 -33.60
N VAL A 111 -12.50 5.33 -33.13
CA VAL A 111 -12.83 4.16 -33.91
C VAL A 111 -14.35 3.99 -34.05
N GLY A 112 -14.80 3.77 -35.28
CA GLY A 112 -16.22 3.57 -35.52
C GLY A 112 -16.58 2.13 -35.33
N ASP A 113 -17.71 1.89 -34.65
CA ASP A 113 -18.20 0.55 -34.37
C ASP A 113 -17.13 -0.35 -33.77
N ALA A 114 -16.44 0.16 -32.75
CA ALA A 114 -15.27 -0.48 -32.18
C ALA A 114 -15.46 -1.96 -31.85
N TYR A 115 -16.49 -2.27 -31.05
CA TYR A 115 -16.75 -3.65 -30.63
C TYR A 115 -17.10 -4.54 -31.81
N PHE A 116 -17.99 -4.06 -32.67
CA PHE A 116 -18.42 -4.84 -33.81
C PHE A 116 -17.33 -5.03 -34.86
N SER A 117 -16.25 -4.26 -34.72
CA SER A 117 -15.08 -4.32 -35.60
C SER A 117 -14.04 -5.32 -35.15
N VAL A 118 -14.32 -6.06 -34.08
CA VAL A 118 -13.34 -7.01 -33.56
C VAL A 118 -13.93 -8.41 -33.39
N PRO A 119 -13.27 -9.43 -33.94
CA PRO A 119 -13.77 -10.80 -33.90
C PRO A 119 -13.87 -11.37 -32.49
N LEU A 120 -14.78 -12.31 -32.31
CA LEU A 120 -14.99 -13.03 -31.06
C LEU A 120 -14.42 -14.45 -31.21
N ASP A 121 -13.79 -14.96 -30.16
CA ASP A 121 -13.23 -16.31 -30.17
C ASP A 121 -14.22 -17.29 -30.78
N GLU A 122 -13.82 -17.90 -31.89
CA GLU A 122 -14.72 -18.74 -32.66
C GLU A 122 -15.43 -19.70 -31.73
N ASP A 123 -14.66 -20.32 -30.84
CA ASP A 123 -15.17 -21.34 -29.92
C ASP A 123 -16.10 -20.81 -28.85
N PHE A 124 -16.23 -19.49 -28.77
CA PHE A 124 -17.07 -18.90 -27.73
C PHE A 124 -18.38 -18.41 -28.31
N ARG A 125 -18.42 -18.26 -29.63
CA ARG A 125 -19.54 -17.60 -30.28
C ARG A 125 -20.88 -18.25 -29.93
N LYS A 126 -20.86 -19.57 -29.76
CA LYS A 126 -22.08 -20.33 -29.59
C LYS A 126 -22.81 -20.00 -28.30
N TYR A 127 -22.12 -19.39 -27.35
CA TYR A 127 -22.74 -19.02 -26.09
C TYR A 127 -23.43 -17.69 -26.21
N THR A 128 -23.31 -17.05 -27.36
CA THR A 128 -23.91 -15.75 -27.57
C THR A 128 -25.23 -15.85 -28.33
N ALA A 129 -25.62 -17.09 -28.66
CA ALA A 129 -26.88 -17.37 -29.34
C ALA A 129 -28.07 -16.65 -28.69
N PHE A 130 -28.84 -15.94 -29.51
CA PHE A 130 -30.10 -15.39 -29.06
C PHE A 130 -31.17 -15.69 -30.11
N THR A 131 -32.43 -15.44 -29.76
CA THR A 131 -33.54 -15.87 -30.61
C THR A 131 -34.55 -14.75 -30.80
N ILE A 132 -34.91 -14.46 -32.05
CA ILE A 132 -36.02 -13.54 -32.28
C ILE A 132 -37.30 -14.36 -32.34
N PRO A 133 -38.20 -14.12 -31.37
CA PRO A 133 -39.40 -14.93 -31.24
C PRO A 133 -40.33 -14.62 -32.40
N SER A 134 -41.04 -15.65 -32.88
CA SER A 134 -42.13 -15.45 -33.84
C SER A 134 -43.34 -14.79 -33.19
N ILE A 135 -44.25 -14.26 -34.00
CA ILE A 135 -45.43 -13.59 -33.48
C ILE A 135 -46.20 -14.50 -32.52
N ASN A 136 -46.47 -13.95 -31.33
CA ASN A 136 -47.03 -14.71 -30.22
C ASN A 136 -46.34 -16.04 -29.96
N ASN A 137 -45.16 -16.20 -30.56
CA ASN A 137 -44.28 -17.32 -30.23
C ASN A 137 -44.87 -18.66 -30.69
N GLU A 138 -45.68 -18.62 -31.74
CA GLU A 138 -46.33 -19.85 -32.15
C GLU A 138 -45.41 -20.76 -32.94
N THR A 139 -44.51 -20.16 -33.73
CA THR A 139 -43.54 -20.96 -34.48
C THR A 139 -42.13 -20.73 -33.95
N PRO A 140 -41.20 -21.60 -34.34
CA PRO A 140 -39.77 -21.49 -34.01
C PRO A 140 -39.18 -20.14 -34.41
N GLY A 141 -38.38 -19.57 -33.52
CA GLY A 141 -37.80 -18.25 -33.75
C GLY A 141 -36.58 -18.26 -34.65
N ILE A 142 -36.06 -17.08 -34.93
CA ILE A 142 -34.88 -16.94 -35.76
C ILE A 142 -33.67 -16.78 -34.84
N ARG A 143 -32.68 -17.63 -35.04
CA ARG A 143 -31.56 -17.72 -34.12
C ARG A 143 -30.23 -17.28 -34.73
N TYR A 144 -29.55 -16.38 -34.03
CA TYR A 144 -28.25 -15.89 -34.43
C TYR A 144 -27.21 -16.12 -33.33
N GLN A 145 -25.94 -16.00 -33.71
CA GLN A 145 -24.87 -15.86 -32.75
C GLN A 145 -23.89 -14.78 -33.23
N TYR A 146 -23.26 -14.10 -32.29
CA TYR A 146 -22.23 -13.11 -32.59
C TYR A 146 -20.93 -13.67 -33.14
N ASN A 147 -20.35 -12.96 -34.10
CA ASN A 147 -19.01 -13.27 -34.59
C ASN A 147 -18.05 -12.20 -34.06
N VAL A 148 -18.62 -11.14 -33.48
CA VAL A 148 -17.85 -10.01 -33.01
C VAL A 148 -18.20 -9.70 -31.56
N LEU A 149 -17.50 -8.77 -30.93
CA LEU A 149 -17.72 -8.44 -29.53
C LEU A 149 -19.07 -7.78 -29.31
N PRO A 150 -19.96 -8.44 -28.55
CA PRO A 150 -21.30 -7.89 -28.29
C PRO A 150 -21.22 -6.67 -27.37
N GLN A 151 -22.10 -5.70 -27.61
CA GLN A 151 -22.32 -4.63 -26.64
C GLN A 151 -22.91 -5.25 -25.37
N GLY A 152 -22.33 -4.91 -24.22
CA GLY A 152 -22.88 -5.35 -22.96
C GLY A 152 -22.32 -6.68 -22.47
N TRP A 153 -21.54 -7.35 -23.29
CA TRP A 153 -20.87 -8.54 -22.81
C TRP A 153 -19.65 -8.15 -21.97
N LYS A 154 -19.29 -9.04 -21.05
CA LYS A 154 -18.31 -8.77 -20.02
C LYS A 154 -16.92 -8.56 -20.59
N GLY A 155 -16.54 -9.37 -21.58
CA GLY A 155 -15.18 -9.36 -22.08
C GLY A 155 -14.86 -8.33 -23.16
N SER A 156 -15.85 -7.54 -23.57
CA SER A 156 -15.71 -6.74 -24.76
C SER A 156 -14.74 -5.59 -24.61
N PRO A 157 -14.89 -4.78 -23.56
CA PRO A 157 -13.95 -3.67 -23.42
C PRO A 157 -12.50 -4.09 -23.29
N ALA A 158 -12.25 -5.22 -22.63
CA ALA A 158 -10.89 -5.72 -22.43
C ALA A 158 -10.29 -6.30 -23.71
N ILE A 159 -11.07 -7.10 -24.43
CA ILE A 159 -10.57 -7.76 -25.63
C ILE A 159 -10.37 -6.73 -26.73
N PHE A 160 -11.25 -5.73 -26.76
CA PHE A 160 -11.07 -4.64 -27.70
C PHE A 160 -9.73 -3.92 -27.47
N GLN A 161 -9.51 -3.46 -26.25
CA GLN A 161 -8.31 -2.73 -25.89
C GLN A 161 -7.05 -3.51 -26.21
N SER A 162 -7.06 -4.82 -26.00
CA SER A 162 -5.88 -5.60 -26.28
C SER A 162 -5.71 -5.74 -27.79
N SER A 163 -6.83 -5.76 -28.51
CA SER A 163 -6.74 -5.84 -29.96
C SER A 163 -6.11 -4.57 -30.50
N MET A 164 -6.53 -3.42 -29.99
CA MET A 164 -5.97 -2.15 -30.43
C MET A 164 -4.46 -2.07 -30.11
N THR A 165 -4.09 -2.66 -28.99
CA THR A 165 -2.73 -2.62 -28.52
C THR A 165 -1.84 -3.47 -29.42
N LYS A 166 -2.35 -4.61 -29.86
CA LYS A 166 -1.58 -5.48 -30.73
C LYS A 166 -1.46 -4.85 -32.11
N ILE A 167 -2.56 -4.28 -32.58
CA ILE A 167 -2.59 -3.62 -33.88
C ILE A 167 -1.72 -2.37 -33.90
N LEU A 168 -1.73 -1.60 -32.81
CA LEU A 168 -0.93 -0.39 -32.74
C LEU A 168 0.56 -0.68 -32.61
N GLU A 169 0.88 -1.80 -31.99
CA GLU A 169 2.24 -2.13 -31.60
C GLU A 169 3.28 -1.81 -32.67
N PRO A 170 3.06 -2.25 -33.91
CA PRO A 170 4.11 -2.07 -34.93
C PRO A 170 4.33 -0.61 -35.27
N PHE A 171 3.24 0.12 -35.47
CA PHE A 171 3.31 1.54 -35.78
C PHE A 171 4.03 2.27 -34.66
N ARG A 172 4.01 1.70 -33.48
CA ARG A 172 4.69 2.28 -32.34
C ARG A 172 6.18 1.99 -32.43
N LYS A 173 6.53 0.78 -32.85
CA LYS A 173 7.92 0.41 -32.97
C LYS A 173 8.58 1.34 -33.98
N GLN A 174 7.89 1.60 -35.08
CA GLN A 174 8.47 2.38 -36.16
C GLN A 174 8.37 3.89 -35.91
N ASN A 175 7.48 4.30 -35.02
CA ASN A 175 7.24 5.72 -34.79
C ASN A 175 7.38 6.11 -33.33
N PRO A 176 8.59 6.00 -32.78
CA PRO A 176 8.81 6.41 -31.39
C PRO A 176 8.50 7.89 -31.19
N ASP A 177 8.76 8.70 -32.21
CA ASP A 177 8.57 10.13 -32.12
C ASP A 177 7.10 10.50 -31.89
N ILE A 178 6.21 9.53 -32.08
CA ILE A 178 4.79 9.81 -32.07
C ILE A 178 4.09 9.23 -30.84
N VAL A 179 3.22 10.03 -30.26
CA VAL A 179 2.53 9.65 -29.04
C VAL A 179 1.08 9.29 -29.28
N ILE A 180 0.67 8.17 -28.69
CA ILE A 180 -0.67 7.64 -28.87
C ILE A 180 -1.20 7.22 -27.52
N TYR A 181 -2.26 7.89 -27.07
CA TYR A 181 -2.94 7.41 -25.88
C TYR A 181 -4.15 6.60 -26.30
N GLN A 182 -4.30 5.41 -25.72
CA GLN A 182 -5.50 4.62 -25.90
C GLN A 182 -6.48 4.88 -24.76
N TYR A 183 -7.63 5.45 -25.09
CA TYR A 183 -8.69 5.56 -24.12
C TYR A 183 -10.01 5.11 -24.73
N MET A 184 -10.53 4.00 -24.23
CA MET A 184 -11.77 3.44 -24.75
C MET A 184 -11.65 3.20 -26.25
N ASP A 185 -12.56 3.75 -27.04
CA ASP A 185 -12.48 3.52 -28.46
C ASP A 185 -11.89 4.74 -29.15
N ASP A 186 -11.05 5.45 -28.41
CA ASP A 186 -10.38 6.64 -28.91
C ASP A 186 -8.89 6.44 -29.05
N LEU A 187 -8.29 7.19 -29.95
CA LEU A 187 -6.85 7.33 -30.00
C LEU A 187 -6.53 8.82 -29.97
N TYR A 188 -5.57 9.21 -29.13
CA TYR A 188 -5.12 10.59 -29.14
C TYR A 188 -3.68 10.60 -29.57
N VAL A 189 -3.41 11.35 -30.64
CA VAL A 189 -2.12 11.27 -31.31
C VAL A 189 -1.44 12.65 -31.38
N GLY A 190 -0.19 12.67 -30.96
CA GLY A 190 0.54 13.93 -30.92
C GLY A 190 2.00 13.76 -31.28
N SER A 191 2.58 14.80 -31.87
CA SER A 191 4.01 14.81 -32.17
C SER A 191 4.49 16.24 -32.19
N ASP A 192 5.78 16.40 -32.46
CA ASP A 192 6.38 17.73 -32.59
C ASP A 192 6.90 17.97 -34.00
N LEU A 193 6.16 17.47 -34.98
CA LEU A 193 6.40 17.74 -36.39
C LEU A 193 5.47 18.89 -36.78
N GLU A 194 5.81 19.59 -37.86
CA GLU A 194 5.00 20.71 -38.33
C GLU A 194 3.85 20.19 -39.17
N ILE A 195 2.73 20.90 -39.12
CA ILE A 195 1.46 20.41 -39.67
C ILE A 195 1.63 19.32 -40.73
N GLY A 196 2.34 19.65 -41.81
CA GLY A 196 2.46 18.73 -42.93
C GLY A 196 2.91 17.33 -42.56
N GLN A 197 4.11 17.20 -42.01
CA GLN A 197 4.67 15.89 -41.70
C GLN A 197 3.84 15.17 -40.64
N HIS A 198 2.95 15.89 -39.97
CA HIS A 198 2.04 15.30 -38.99
C HIS A 198 0.79 14.78 -39.70
N ARG A 199 0.08 15.67 -40.40
CA ARG A 199 -1.06 15.30 -41.21
C ARG A 199 -0.73 14.06 -42.02
N THR A 200 0.54 13.94 -42.41
CA THR A 200 1.05 12.80 -43.17
C THR A 200 1.16 11.55 -42.31
N LYS A 201 1.72 11.71 -41.11
CA LYS A 201 1.88 10.59 -40.19
C LYS A 201 0.53 10.08 -39.68
N ILE A 202 -0.45 10.96 -39.59
CA ILE A 202 -1.80 10.56 -39.25
C ILE A 202 -2.39 9.61 -40.27
N GLU A 203 -2.45 10.04 -41.52
CA GLU A 203 -2.96 9.20 -42.60
C GLU A 203 -2.28 7.84 -42.64
N GLU A 204 -0.96 7.80 -42.43
CA GLU A 204 -0.29 6.50 -42.34
C GLU A 204 -0.97 5.67 -41.27
N LEU A 205 -1.09 6.26 -40.08
CA LEU A 205 -1.71 5.61 -38.93
C LEU A 205 -3.09 5.12 -39.31
N ARG A 206 -3.93 6.02 -39.79
CA ARG A 206 -5.28 5.66 -40.20
C ARG A 206 -5.25 4.47 -41.14
N GLN A 207 -4.37 4.55 -42.14
CA GLN A 207 -4.27 3.53 -43.18
C GLN A 207 -3.80 2.21 -42.60
N HIS A 208 -2.97 2.29 -41.57
CA HIS A 208 -2.56 1.10 -40.86
C HIS A 208 -3.74 0.52 -40.10
N LEU A 209 -4.51 1.41 -39.50
CA LEU A 209 -5.73 1.02 -38.79
C LEU A 209 -6.70 0.38 -39.77
N LEU A 210 -6.74 0.88 -41.01
CA LEU A 210 -7.65 0.35 -42.00
C LEU A 210 -7.27 -1.06 -42.47
N ARG A 211 -5.99 -1.31 -42.68
CA ARG A 211 -5.58 -2.65 -43.05
C ARG A 211 -6.05 -3.64 -41.98
N TRP A 212 -6.40 -3.11 -40.81
CA TRP A 212 -6.64 -3.93 -39.64
C TRP A 212 -8.09 -3.94 -39.14
N GLY A 213 -8.98 -3.38 -39.96
CA GLY A 213 -10.40 -3.46 -39.65
C GLY A 213 -10.96 -2.17 -39.10
N LEU A 214 -10.08 -1.26 -38.67
CA LEU A 214 -10.54 -0.12 -37.90
C LEU A 214 -10.66 1.16 -38.72
N THR A 215 -11.90 1.58 -38.94
CA THR A 215 -12.18 2.82 -39.65
C THR A 215 -12.03 3.99 -38.67
N THR A 216 -11.81 5.18 -39.21
CA THR A 216 -11.46 6.34 -38.42
C THR A 216 -11.86 7.62 -39.14
N PRO A 217 -12.01 8.73 -38.40
CA PRO A 217 -12.34 10.01 -39.02
C PRO A 217 -11.25 10.52 -39.97
N ASP A 218 -11.69 11.15 -41.05
CA ASP A 218 -10.81 11.77 -42.03
C ASP A 218 -10.53 13.20 -41.60
N LYS A 219 -9.51 13.80 -42.22
CA LYS A 219 -9.13 15.18 -41.94
C LYS A 219 -10.31 16.12 -41.67
N LYS A 220 -11.41 15.94 -42.41
CA LYS A 220 -12.52 16.88 -42.35
C LYS A 220 -13.42 16.61 -41.16
N HIS A 221 -13.32 15.39 -40.62
CA HIS A 221 -14.17 14.96 -39.52
C HIS A 221 -13.40 14.74 -38.23
N GLN A 222 -12.18 15.26 -38.18
CA GLN A 222 -11.39 15.26 -36.94
C GLN A 222 -11.71 16.53 -36.12
N LYS A 223 -12.10 16.31 -34.87
CA LYS A 223 -12.45 17.42 -33.98
C LYS A 223 -11.23 18.30 -33.72
N GLU A 224 -11.49 19.57 -33.37
CA GLU A 224 -10.42 20.53 -33.15
C GLU A 224 -10.37 20.99 -31.69
N PRO A 225 -9.18 21.41 -31.22
CA PRO A 225 -8.99 22.01 -29.90
C PRO A 225 -9.75 23.32 -29.75
N PRO A 226 -10.22 23.63 -28.52
CA PRO A 226 -10.03 22.84 -27.30
C PRO A 226 -10.85 21.56 -27.25
N PHE A 227 -10.20 20.47 -26.85
CA PHE A 227 -10.89 19.20 -26.63
C PHE A 227 -11.49 19.19 -25.24
N LEU A 228 -12.74 18.77 -25.17
CA LEU A 228 -13.36 18.49 -23.89
C LEU A 228 -13.32 17.00 -23.69
N TRP A 229 -12.86 16.57 -22.52
CA TRP A 229 -12.58 15.16 -22.25
C TRP A 229 -12.64 14.89 -20.76
N MET A 230 -13.54 13.99 -20.37
CA MET A 230 -13.61 13.53 -18.98
C MET A 230 -13.48 14.64 -17.93
N GLY A 231 -14.18 15.74 -18.19
CA GLY A 231 -14.32 16.78 -17.19
C GLY A 231 -13.26 17.86 -17.30
N TYR A 232 -12.47 17.80 -18.35
CA TYR A 232 -11.37 18.72 -18.52
C TYR A 232 -11.52 19.47 -19.83
N GLU A 233 -10.80 20.58 -19.94
CA GLU A 233 -10.77 21.34 -21.16
C GLU A 233 -9.31 21.33 -21.57
N LEU A 234 -9.02 20.69 -22.70
CA LEU A 234 -7.64 20.49 -23.08
C LEU A 234 -7.30 21.38 -24.23
N HIS A 235 -6.56 22.45 -23.96
CA HIS A 235 -6.12 23.35 -25.02
C HIS A 235 -4.72 23.00 -25.46
N PRO A 236 -4.29 23.58 -26.58
CA PRO A 236 -2.98 23.27 -27.16
C PRO A 236 -1.79 23.42 -26.22
N ASP A 237 -1.72 24.51 -25.46
CA ASP A 237 -0.66 24.64 -24.47
C ASP A 237 -1.12 25.00 -23.05
N LYS A 238 -2.28 24.48 -22.66
CA LYS A 238 -2.77 24.62 -21.30
C LYS A 238 -4.01 23.76 -21.11
N TRP A 239 -4.47 23.63 -19.86
CA TRP A 239 -5.64 22.81 -19.56
C TRP A 239 -6.30 23.37 -18.31
N THR A 240 -7.59 23.09 -18.17
CA THR A 240 -8.31 23.41 -16.95
C THR A 240 -9.48 22.47 -16.87
N VAL A 241 -10.19 22.50 -15.74
CA VAL A 241 -11.43 21.76 -15.62
C VAL A 241 -12.53 22.42 -16.44
N GLN A 242 -13.58 21.67 -16.73
CA GLN A 242 -14.66 22.21 -17.52
C GLN A 242 -15.46 23.16 -16.67
N PRO A 243 -16.16 24.11 -17.29
CA PRO A 243 -16.73 25.25 -16.56
C PRO A 243 -17.64 24.83 -15.42
N ILE A 244 -17.43 25.45 -14.26
CA ILE A 244 -18.14 25.09 -13.04
C ILE A 244 -19.05 26.22 -12.57
N VAL A 245 -20.33 25.91 -12.41
CA VAL A 245 -21.28 26.93 -11.99
C VAL A 245 -21.90 26.64 -10.62
N LEU A 246 -21.46 27.35 -9.61
CA LEU A 246 -22.05 27.23 -8.29
C LEU A 246 -23.44 27.86 -8.29
N PRO A 247 -24.48 27.04 -8.07
CA PRO A 247 -25.88 27.49 -8.09
C PRO A 247 -26.21 28.52 -7.01
N GLU A 248 -26.99 29.53 -7.39
CA GLU A 248 -27.56 30.47 -6.43
C GLU A 248 -28.86 29.86 -5.91
N LYS A 249 -28.96 29.77 -4.59
CA LYS A 249 -30.13 29.17 -3.96
C LYS A 249 -30.37 29.79 -2.59
N ASP A 250 -31.64 30.01 -2.27
CA ASP A 250 -32.02 30.43 -0.93
C ASP A 250 -31.90 29.22 -0.02
N SER A 251 -32.30 28.06 -0.54
CA SER A 251 -32.37 26.87 0.28
C SER A 251 -31.57 25.75 -0.35
N TRP A 252 -30.66 25.17 0.44
CA TRP A 252 -29.83 24.07 -0.03
C TRP A 252 -30.32 22.74 0.50
N THR A 253 -30.45 21.77 -0.39
CA THR A 253 -30.76 20.41 0.01
C THR A 253 -29.49 19.58 0.12
N VAL A 254 -29.56 18.48 0.87
CA VAL A 254 -28.45 17.53 0.92
C VAL A 254 -27.88 17.28 -0.47
N ASN A 255 -28.74 16.89 -1.40
CA ASN A 255 -28.35 16.66 -2.78
C ASN A 255 -27.59 17.84 -3.40
N ASP A 256 -28.05 19.06 -3.12
CA ASP A 256 -27.43 20.27 -3.68
C ASP A 256 -26.05 20.51 -3.09
N ILE A 257 -25.90 20.21 -1.81
CA ILE A 257 -24.65 20.39 -1.10
C ILE A 257 -23.64 19.31 -1.47
N GLN A 258 -24.14 18.10 -1.73
CA GLN A 258 -23.28 17.02 -2.20
C GLN A 258 -22.71 17.33 -3.57
N LYS A 259 -23.57 17.82 -4.46
CA LYS A 259 -23.13 18.12 -5.81
C LYS A 259 -22.18 19.31 -5.79
N LEU A 260 -22.47 20.27 -4.91
CA LEU A 260 -21.60 21.42 -4.72
C LEU A 260 -20.20 20.99 -4.24
N VAL A 261 -20.16 20.09 -3.26
CA VAL A 261 -18.88 19.61 -2.76
C VAL A 261 -18.12 18.87 -3.86
N GLY A 262 -18.86 18.14 -4.69
CA GLY A 262 -18.24 17.36 -5.73
C GLY A 262 -17.63 18.27 -6.76
N LYS A 263 -18.31 19.37 -7.06
CA LYS A 263 -17.81 20.31 -8.05
C LYS A 263 -16.60 21.04 -7.49
N LEU A 264 -16.65 21.38 -6.22
CA LEU A 264 -15.53 22.05 -5.56
C LEU A 264 -14.30 21.14 -5.55
N ASN A 265 -14.48 19.92 -5.11
CA ASN A 265 -13.41 18.96 -5.10
C ASN A 265 -12.79 18.83 -6.49
N TRP A 266 -13.64 18.73 -7.51
CA TRP A 266 -13.16 18.61 -8.88
C TRP A 266 -12.35 19.87 -9.28
N ALA A 267 -12.85 21.03 -8.84
CA ALA A 267 -12.24 22.30 -9.24
C ALA A 267 -10.88 22.45 -8.57
N SER A 268 -10.72 21.80 -7.42
CA SER A 268 -9.51 22.01 -6.62
C SER A 268 -8.27 21.37 -7.25
N GLN A 269 -8.45 20.74 -8.40
CA GLN A 269 -7.35 20.15 -9.15
C GLN A 269 -6.40 21.22 -9.66
N ILE A 270 -6.92 22.44 -9.82
CA ILE A 270 -6.17 23.50 -10.50
C ILE A 270 -6.51 24.90 -9.94
N TYR A 271 -7.62 25.01 -9.22
CA TYR A 271 -7.92 26.24 -8.49
C TYR A 271 -7.40 26.18 -7.05
N PRO A 272 -6.35 26.97 -6.75
CA PRO A 272 -5.67 26.93 -5.46
C PRO A 272 -6.54 27.37 -4.29
N GLY A 273 -6.53 26.61 -3.21
CA GLY A 273 -7.15 27.08 -1.99
C GLY A 273 -8.65 26.91 -1.89
N ILE A 274 -9.23 26.04 -2.70
CA ILE A 274 -10.63 25.63 -2.50
C ILE A 274 -10.73 24.95 -1.12
N LYS A 275 -11.83 25.19 -0.42
CA LYS A 275 -12.02 24.52 0.86
C LYS A 275 -13.43 23.96 0.93
N VAL A 276 -13.61 22.88 1.69
CA VAL A 276 -14.93 22.27 1.84
C VAL A 276 -15.15 21.70 3.23
N ARG A 277 -14.31 22.09 4.19
CA ARG A 277 -14.47 21.57 5.54
C ARG A 277 -15.85 21.94 6.07
N GLN A 278 -16.20 23.22 5.94
CA GLN A 278 -17.40 23.74 6.56
C GLN A 278 -18.67 23.30 5.86
N LEU A 279 -18.56 23.00 4.58
CA LEU A 279 -19.69 22.44 3.85
C LEU A 279 -19.89 20.97 4.23
N CYS A 280 -18.83 20.17 4.14
CA CYS A 280 -18.89 18.77 4.55
C CYS A 280 -19.45 18.55 5.95
N LYS A 281 -19.14 19.44 6.89
CA LYS A 281 -19.71 19.35 8.22
C LYS A 281 -21.24 19.22 8.16
N LEU A 282 -21.85 20.00 7.27
CA LEU A 282 -23.29 19.96 7.05
C LEU A 282 -23.81 18.56 6.66
N LEU A 283 -23.04 17.86 5.86
CA LEU A 283 -23.46 16.57 5.35
C LEU A 283 -23.50 15.50 6.44
N ARG A 284 -22.77 15.73 7.53
CA ARG A 284 -22.77 14.80 8.66
C ARG A 284 -24.21 14.58 9.13
N GLY A 285 -24.44 13.49 9.85
CA GLY A 285 -25.79 13.17 10.27
C GLY A 285 -26.54 12.40 9.20
N THR A 286 -27.78 12.05 9.49
CA THR A 286 -28.54 11.15 8.63
C THR A 286 -29.85 11.76 8.15
N LYS A 287 -29.86 12.21 6.90
CA LYS A 287 -31.05 12.82 6.31
C LYS A 287 -31.20 12.36 4.88
N ALA A 288 -32.36 12.67 4.29
CA ALA A 288 -32.59 12.37 2.89
C ALA A 288 -31.98 13.46 2.02
N LEU A 289 -31.81 13.15 0.74
CA LEU A 289 -31.22 14.10 -0.20
C LEU A 289 -32.12 15.32 -0.37
N THR A 290 -33.42 15.11 -0.17
CA THR A 290 -34.44 16.14 -0.38
C THR A 290 -34.47 17.18 0.75
N GLU A 291 -33.78 16.90 1.84
CA GLU A 291 -33.82 17.75 3.03
C GLU A 291 -33.01 19.03 2.87
N VAL A 292 -33.60 20.16 3.25
CA VAL A 292 -32.90 21.43 3.25
C VAL A 292 -32.05 21.60 4.50
N ILE A 293 -30.78 21.96 4.29
CA ILE A 293 -29.88 22.23 5.40
C ILE A 293 -29.55 23.72 5.39
N PRO A 294 -29.85 24.41 6.49
CA PRO A 294 -29.44 25.80 6.68
C PRO A 294 -27.92 25.89 6.65
N LEU A 295 -27.37 26.81 5.88
CA LEU A 295 -25.92 27.04 5.92
C LEU A 295 -25.53 27.66 7.24
N THR A 296 -24.54 27.08 7.91
CA THR A 296 -23.97 27.70 9.11
C THR A 296 -23.27 28.97 8.67
N GLU A 297 -22.73 29.72 9.63
CA GLU A 297 -22.02 30.95 9.32
C GLU A 297 -20.65 30.65 8.71
N GLU A 298 -19.99 29.61 9.21
CA GLU A 298 -18.69 29.23 8.69
C GLU A 298 -18.79 28.55 7.32
N ALA A 299 -19.91 27.89 7.05
CA ALA A 299 -20.13 27.28 5.74
C ALA A 299 -20.44 28.39 4.75
N GLU A 300 -21.16 29.40 5.23
CA GLU A 300 -21.54 30.55 4.42
C GLU A 300 -20.29 31.32 4.04
N LEU A 301 -19.35 31.41 4.97
CA LEU A 301 -18.07 32.07 4.72
C LEU A 301 -17.28 31.26 3.69
N GLU A 302 -17.34 29.94 3.81
CA GLU A 302 -16.56 29.06 2.95
C GLU A 302 -17.05 29.12 1.51
N LEU A 303 -18.36 29.00 1.31
CA LEU A 303 -18.92 29.09 -0.04
C LEU A 303 -18.52 30.41 -0.67
N ALA A 304 -18.43 31.45 0.15
CA ALA A 304 -18.10 32.78 -0.35
C ALA A 304 -16.65 32.82 -0.82
N GLU A 305 -15.75 32.34 0.02
CA GLU A 305 -14.33 32.31 -0.29
C GLU A 305 -14.05 31.48 -1.53
N ASN A 306 -14.84 30.42 -1.73
CA ASN A 306 -14.71 29.59 -2.91
C ASN A 306 -15.30 30.32 -4.11
N ARG A 307 -16.34 31.09 -3.85
CA ARG A 307 -17.09 31.73 -4.92
C ARG A 307 -16.15 32.73 -5.61
N GLU A 308 -15.30 33.36 -4.82
CA GLU A 308 -14.37 34.39 -5.31
C GLU A 308 -13.15 33.80 -6.05
N ILE A 309 -12.67 32.66 -5.58
CA ILE A 309 -11.56 32.00 -6.22
C ILE A 309 -11.96 31.51 -7.61
N LEU A 310 -13.21 31.10 -7.73
CA LEU A 310 -13.73 30.55 -8.97
C LEU A 310 -14.06 31.67 -9.95
N LYS A 311 -14.15 32.90 -9.44
CA LYS A 311 -14.55 34.07 -10.22
C LYS A 311 -13.80 34.19 -11.55
N GLU A 312 -12.50 34.48 -11.48
CA GLU A 312 -11.67 34.52 -12.68
C GLU A 312 -11.17 33.11 -13.01
N PRO A 313 -11.12 32.75 -14.29
CA PRO A 313 -10.65 31.43 -14.71
C PRO A 313 -9.15 31.22 -14.56
N VAL A 314 -8.79 30.01 -14.14
CA VAL A 314 -7.40 29.59 -14.01
C VAL A 314 -7.15 28.40 -14.92
N HIS A 315 -5.90 28.20 -15.33
CA HIS A 315 -5.52 27.03 -16.11
C HIS A 315 -4.21 26.41 -15.64
N GLY A 316 -3.96 25.18 -16.03
CA GLY A 316 -2.68 24.56 -15.75
C GLY A 316 -1.86 24.40 -17.01
N VAL A 317 -0.55 24.23 -16.87
CA VAL A 317 0.33 23.98 -18.02
C VAL A 317 0.68 22.51 -18.11
N TYR A 318 1.43 22.16 -19.15
CA TYR A 318 1.80 20.76 -19.38
C TYR A 318 3.20 20.47 -18.89
N TYR A 319 3.60 19.23 -18.99
CA TYR A 319 4.78 18.75 -18.31
C TYR A 319 5.99 18.79 -19.22
N ASP A 320 7.03 19.47 -18.75
CA ASP A 320 8.31 19.46 -19.43
C ASP A 320 9.24 18.56 -18.66
N PRO A 321 9.60 17.42 -19.25
CA PRO A 321 10.36 16.35 -18.58
C PRO A 321 11.78 16.74 -18.24
N SER A 322 12.26 17.82 -18.84
CA SER A 322 13.66 18.21 -18.68
C SER A 322 13.88 19.15 -17.50
N LYS A 323 12.79 19.56 -16.86
CA LYS A 323 12.84 20.35 -15.63
C LYS A 323 12.32 19.56 -14.44
N ASP A 324 12.73 19.98 -13.24
CA ASP A 324 12.26 19.33 -12.02
C ASP A 324 10.84 19.75 -11.66
N LEU A 325 10.18 18.94 -10.86
CA LEU A 325 8.88 19.33 -10.29
C LEU A 325 9.08 19.90 -8.90
N ILE A 326 8.46 21.03 -8.61
CA ILE A 326 8.44 21.53 -7.23
C ILE A 326 7.02 21.47 -6.66
N ALA A 327 6.91 21.00 -5.43
CA ALA A 327 5.62 20.99 -4.74
C ALA A 327 5.67 21.84 -3.47
N GLU A 328 4.70 22.75 -3.35
CA GLU A 328 4.59 23.64 -2.21
C GLU A 328 3.33 23.26 -1.45
N ILE A 329 3.42 23.28 -0.13
CA ILE A 329 2.28 22.98 0.71
C ILE A 329 2.04 24.13 1.66
N GLN A 330 0.77 24.47 1.88
CA GLN A 330 0.42 25.43 2.92
C GLN A 330 -0.65 24.89 3.83
N LYS A 331 -0.55 25.25 5.10
CA LYS A 331 -1.60 25.02 6.08
C LYS A 331 -2.73 25.99 5.81
N GLN A 332 -3.93 25.47 5.66
CA GLN A 332 -5.09 26.29 5.33
C GLN A 332 -5.96 26.44 6.56
N GLY A 333 -5.61 25.70 7.59
CA GLY A 333 -6.34 25.79 8.83
C GLY A 333 -6.56 24.42 9.42
N GLN A 334 -7.72 24.28 10.05
CA GLN A 334 -7.98 23.18 10.96
C GLN A 334 -7.94 21.81 10.28
N GLY A 335 -6.73 21.27 10.14
CA GLY A 335 -6.56 19.96 9.52
C GLY A 335 -6.59 20.02 8.01
N GLN A 336 -6.66 21.23 7.45
CA GLN A 336 -6.70 21.41 6.01
C GLN A 336 -5.37 21.84 5.42
N TRP A 337 -5.04 21.26 4.28
CA TRP A 337 -3.78 21.56 3.61
C TRP A 337 -4.03 21.74 2.12
N THR A 338 -3.27 22.62 1.50
CA THR A 338 -3.35 22.79 0.06
C THR A 338 -1.95 22.74 -0.52
N TYR A 339 -1.86 22.38 -1.80
CA TYR A 339 -0.58 22.31 -2.47
C TYR A 339 -0.66 22.70 -3.94
N GLN A 340 0.49 23.02 -4.51
CA GLN A 340 0.61 23.37 -5.91
C GLN A 340 1.86 22.68 -6.41
N ILE A 341 1.79 22.17 -7.64
CA ILE A 341 2.97 21.60 -8.26
C ILE A 341 3.29 22.33 -9.56
N TYR A 342 4.48 22.92 -9.62
CA TYR A 342 4.89 23.68 -10.79
C TYR A 342 6.29 23.30 -11.17
N GLN A 343 6.75 23.83 -12.29
CA GLN A 343 8.11 23.59 -12.72
C GLN A 343 8.78 24.94 -12.92
N GLU A 344 7.97 25.92 -13.33
CA GLU A 344 8.38 27.31 -13.39
C GLU A 344 7.40 28.11 -12.52
N PRO A 345 7.89 28.85 -11.53
CA PRO A 345 6.99 29.53 -10.59
C PRO A 345 6.32 30.70 -11.28
N PHE A 346 5.02 30.89 -11.04
CA PHE A 346 4.20 29.94 -10.30
C PHE A 346 3.12 29.45 -11.23
N LYS A 347 3.57 28.89 -12.35
CA LYS A 347 2.67 28.34 -13.34
C LYS A 347 2.46 26.85 -13.08
N ASN A 348 1.35 26.55 -12.42
CA ASN A 348 1.11 25.22 -11.86
C ASN A 348 0.81 24.16 -12.90
N LEU A 349 1.43 22.99 -12.75
CA LEU A 349 0.98 21.81 -13.48
C LEU A 349 -0.38 21.44 -12.88
N LYS A 350 -0.42 21.29 -11.56
CA LYS A 350 -1.70 21.11 -10.89
C LYS A 350 -1.63 21.61 -9.46
N THR A 351 -2.79 21.61 -8.81
CA THR A 351 -2.89 21.96 -7.41
C THR A 351 -3.67 20.86 -6.72
N GLY A 352 -3.82 20.99 -5.41
CA GLY A 352 -4.59 20.01 -4.67
C GLY A 352 -4.82 20.36 -3.22
N LYS A 353 -5.48 19.43 -2.55
CA LYS A 353 -6.09 19.63 -1.25
C LYS A 353 -5.73 18.39 -0.41
N TYR A 354 -5.55 18.56 0.89
CA TYR A 354 -5.43 17.42 1.78
C TYR A 354 -6.08 17.70 3.12
N ALA A 355 -6.87 16.75 3.60
CA ALA A 355 -7.62 16.96 4.82
C ALA A 355 -7.52 15.78 5.79
N ARG A 356 -7.68 14.57 5.27
CA ARG A 356 -7.89 13.39 6.12
C ARG A 356 -7.17 13.49 7.47
N MET A 357 -7.86 13.08 8.52
CA MET A 357 -7.20 12.85 9.80
C MET A 357 -6.79 11.38 9.89
N ARG A 358 -5.60 11.12 10.44
CA ARG A 358 -5.14 9.77 10.67
C ARG A 358 -5.09 9.49 12.18
N GLY A 359 -6.17 8.92 12.70
CA GLY A 359 -6.31 8.79 14.14
C GLY A 359 -7.25 9.85 14.68
N ALA A 360 -7.47 9.83 15.99
CA ALA A 360 -8.29 10.85 16.64
C ALA A 360 -7.42 12.03 17.08
N HIS A 361 -6.15 11.76 17.36
CA HIS A 361 -5.22 12.79 17.80
C HIS A 361 -3.96 12.82 16.94
N THR A 362 -3.60 14.00 16.46
CA THR A 362 -2.32 14.23 15.77
C THR A 362 -1.81 15.64 15.99
N ASN A 363 -0.70 15.95 15.34
CA ASN A 363 -0.18 17.29 15.32
C ASN A 363 0.17 17.67 13.89
N ASP A 364 0.46 18.94 13.67
CA ASP A 364 0.75 19.44 12.33
C ASP A 364 1.96 18.76 11.68
N VAL A 365 2.97 18.38 12.45
CA VAL A 365 4.12 17.74 11.84
C VAL A 365 3.74 16.39 11.23
N LYS A 366 2.93 15.61 11.95
CA LYS A 366 2.37 14.36 11.44
C LYS A 366 1.50 14.60 10.22
N GLN A 367 0.62 15.58 10.30
CA GLN A 367 -0.28 15.85 9.19
C GLN A 367 0.45 16.30 7.93
N LEU A 368 1.50 17.10 8.12
CA LEU A 368 2.23 17.65 7.00
C LEU A 368 2.97 16.52 6.28
N THR A 369 3.51 15.60 7.06
CA THR A 369 4.20 14.43 6.53
C THR A 369 3.25 13.49 5.79
N GLU A 370 2.00 13.39 6.26
CA GLU A 370 1.02 12.60 5.55
C GLU A 370 0.69 13.20 4.19
N ALA A 371 0.70 14.54 4.11
CA ALA A 371 0.43 15.23 2.87
C ALA A 371 1.66 15.19 1.94
N VAL A 372 2.85 15.28 2.50
CA VAL A 372 4.03 15.06 1.67
C VAL A 372 3.95 13.68 1.05
N GLN A 373 3.46 12.71 1.81
CA GLN A 373 3.47 11.32 1.36
C GLN A 373 2.42 11.14 0.28
N LYS A 374 1.29 11.76 0.47
CA LYS A 374 0.20 11.64 -0.49
C LYS A 374 0.59 12.29 -1.81
N ILE A 375 1.26 13.44 -1.73
CA ILE A 375 1.72 14.16 -2.92
C ILE A 375 2.85 13.40 -3.63
N THR A 376 3.68 12.69 -2.89
CA THR A 376 4.74 11.92 -3.50
C THR A 376 4.16 10.80 -4.35
N THR A 377 3.23 10.04 -3.79
CA THR A 377 2.61 8.95 -4.54
C THR A 377 2.00 9.45 -5.84
N GLU A 378 1.19 10.50 -5.74
CA GLU A 378 0.49 11.06 -6.90
C GLU A 378 1.45 11.53 -7.97
N SER A 379 2.55 12.13 -7.56
CA SER A 379 3.52 12.62 -8.50
C SER A 379 4.24 11.46 -9.24
N ILE A 380 4.53 10.38 -8.53
CA ILE A 380 5.07 9.19 -9.17
C ILE A 380 4.10 8.61 -10.20
N VAL A 381 2.82 8.58 -9.86
CA VAL A 381 1.79 8.18 -10.82
C VAL A 381 1.72 9.08 -12.05
N ILE A 382 1.67 10.39 -11.84
CA ILE A 382 1.46 11.28 -12.95
C ILE A 382 2.74 11.54 -13.76
N TRP A 383 3.88 11.67 -13.09
CA TRP A 383 5.11 12.04 -13.79
C TRP A 383 6.23 11.01 -13.77
N GLY A 384 6.12 10.02 -12.90
CA GLY A 384 7.15 9.02 -12.81
C GLY A 384 8.35 9.43 -11.98
N LYS A 385 8.25 10.57 -11.31
CA LYS A 385 9.29 10.94 -10.36
C LYS A 385 8.75 11.80 -9.23
N THR A 386 9.42 11.73 -8.08
CA THR A 386 9.02 12.54 -6.93
C THR A 386 9.41 14.00 -7.12
N PRO A 387 8.57 14.91 -6.63
CA PRO A 387 8.79 16.35 -6.62
C PRO A 387 9.86 16.74 -5.61
N LYS A 388 10.37 17.96 -5.75
CA LYS A 388 11.16 18.58 -4.70
C LYS A 388 10.23 19.48 -3.91
N PHE A 389 10.21 19.31 -2.60
CA PHE A 389 9.24 19.98 -1.74
C PHE A 389 9.72 21.31 -1.16
N LYS A 390 8.77 22.21 -0.95
CA LYS A 390 9.01 23.42 -0.20
C LYS A 390 7.95 23.47 0.90
N LEU A 391 8.40 23.37 2.15
CA LEU A 391 7.51 23.15 3.29
C LEU A 391 7.57 24.28 4.28
N PRO A 392 6.42 24.59 4.89
CA PRO A 392 6.27 25.60 5.94
C PRO A 392 6.69 25.10 7.33
N ILE A 393 7.92 24.59 7.43
CA ILE A 393 8.42 24.11 8.70
C ILE A 393 9.95 24.22 8.68
N GLN A 394 10.54 24.65 9.79
CA GLN A 394 12.00 24.76 9.88
C GLN A 394 12.58 23.36 9.81
N LYS A 395 13.80 23.25 9.31
CA LYS A 395 14.47 21.96 9.26
C LYS A 395 14.70 21.42 10.67
N GLU A 396 14.92 22.33 11.62
CA GLU A 396 15.26 21.95 12.98
C GLU A 396 14.02 21.51 13.75
N THR A 397 12.88 22.13 13.46
CA THR A 397 11.63 21.65 13.99
C THR A 397 11.39 20.21 13.53
N TRP A 398 11.59 19.96 12.24
CA TRP A 398 11.31 18.64 11.67
C TRP A 398 12.25 17.57 12.20
N GLU A 399 13.50 17.92 12.44
CA GLU A 399 14.47 16.92 12.91
C GLU A 399 14.30 16.65 14.41
N THR A 400 13.90 17.67 15.17
CA THR A 400 13.52 17.44 16.56
C THR A 400 12.40 16.41 16.60
N TRP A 401 11.40 16.59 15.75
CA TRP A 401 10.29 15.65 15.68
C TRP A 401 10.68 14.23 15.34
N TRP A 402 11.36 14.07 14.21
CA TRP A 402 11.69 12.75 13.67
C TRP A 402 12.54 11.93 14.64
N THR A 403 13.53 12.58 15.26
CA THR A 403 14.48 11.87 16.09
C THR A 403 13.80 11.30 17.34
N GLU A 404 12.90 12.07 17.92
CA GLU A 404 12.27 11.68 19.17
C GLU A 404 10.94 10.93 19.02
N TYR A 405 10.40 10.88 17.80
CA TYR A 405 9.17 10.11 17.59
C TYR A 405 9.51 8.64 17.39
N TRP A 406 8.60 7.75 17.76
CA TRP A 406 8.91 6.33 17.74
C TRP A 406 8.69 5.68 16.38
N GLN A 407 7.75 6.17 15.61
CA GLN A 407 7.53 5.66 14.25
C GLN A 407 8.61 6.22 13.35
N ALA A 408 9.07 5.38 12.42
CA ALA A 408 10.09 5.81 11.45
C ALA A 408 9.47 6.74 10.44
N THR A 409 10.27 7.66 9.93
CA THR A 409 9.82 8.41 8.75
C THR A 409 10.95 8.93 7.85
N TRP A 410 10.56 9.55 6.74
CA TRP A 410 11.53 10.08 5.79
C TRP A 410 10.84 10.72 4.60
N ILE A 411 10.84 12.05 4.53
CA ILE A 411 10.37 12.78 3.36
C ILE A 411 11.56 13.06 2.42
N PRO A 412 11.33 12.99 1.11
CA PRO A 412 12.37 13.25 0.11
C PRO A 412 12.95 14.67 0.19
N GLU A 413 13.68 15.08 -0.85
CA GLU A 413 14.35 16.38 -0.82
C GLU A 413 13.38 17.54 -0.59
N TRP A 414 13.62 18.31 0.47
CA TRP A 414 12.80 19.48 0.78
C TRP A 414 13.58 20.67 1.35
N GLU A 415 12.98 21.84 1.23
CA GLU A 415 13.54 23.09 1.75
C GLU A 415 12.49 23.79 2.60
N PHE A 416 12.94 24.57 3.58
CA PHE A 416 12.06 25.46 4.32
C PHE A 416 11.58 26.58 3.40
N VAL A 417 10.31 26.96 3.53
CA VAL A 417 9.80 28.14 2.87
C VAL A 417 8.92 28.91 3.84
N ASN A 418 9.12 30.22 3.90
CA ASN A 418 8.50 31.02 4.94
C ASN A 418 7.10 31.47 4.55
N THR A 419 6.15 30.55 4.60
CA THR A 419 4.79 30.82 4.17
C THR A 419 3.82 30.52 5.28
N PRO A 420 3.68 31.46 6.24
CA PRO A 420 2.86 31.16 7.42
C PRO A 420 1.41 30.86 7.07
N PRO A 421 0.69 30.20 7.99
CA PRO A 421 1.19 29.74 9.29
C PRO A 421 2.23 28.63 9.17
N LEU A 422 3.29 28.71 9.97
CA LEU A 422 4.31 27.67 10.00
C LEU A 422 3.90 26.55 10.93
N VAL A 423 4.28 25.33 10.59
CA VAL A 423 4.09 24.21 11.49
C VAL A 423 5.22 24.11 12.52
N LYS A 424 4.81 24.07 13.78
CA LYS A 424 5.73 24.07 14.90
C LYS A 424 5.24 23.04 15.91
N LEU A 425 6.08 22.74 16.88
CA LEU A 425 5.67 21.95 18.04
C LEU A 425 5.25 22.90 19.17
N TRP A 426 4.08 22.63 19.75
CA TRP A 426 3.49 23.59 20.68
C TRP A 426 3.84 23.36 22.15
N TYR A 427 4.42 22.19 22.45
CA TYR A 427 4.99 21.90 23.75
C TYR A 427 5.88 20.69 23.57
N GLN A 428 6.75 20.44 24.54
CA GLN A 428 7.60 19.26 24.52
C GLN A 428 7.64 18.72 25.93
N LEU A 429 7.25 17.47 26.12
CA LEU A 429 7.34 16.86 27.42
C LEU A 429 8.81 16.80 27.84
N GLU A 430 9.06 16.88 29.14
CA GLU A 430 10.41 16.75 29.66
C GLU A 430 10.95 15.35 29.40
N LYS A 431 12.27 15.23 29.33
CA LYS A 431 12.91 13.94 29.12
C LYS A 431 13.34 13.32 30.46
N GLU A 432 13.43 14.16 31.49
CA GLU A 432 13.75 13.70 32.84
C GLU A 432 12.79 14.31 33.86
N PRO A 433 12.64 13.67 35.03
CA PRO A 433 11.85 14.19 36.16
C PRO A 433 12.34 15.56 36.59
N ILE A 434 11.42 16.42 37.00
CA ILE A 434 11.76 17.79 37.33
C ILE A 434 12.01 17.97 38.83
N VAL A 435 13.24 18.27 39.20
CA VAL A 435 13.55 18.51 40.61
C VAL A 435 12.81 19.73 41.14
N GLY A 436 12.25 19.58 42.33
CA GLY A 436 11.54 20.69 42.94
C GLY A 436 10.21 20.94 42.27
N ALA A 437 9.69 19.92 41.59
CA ALA A 437 8.38 19.99 40.98
C ALA A 437 7.47 18.95 41.61
N GLU A 438 6.29 19.41 42.01
CA GLU A 438 5.37 18.55 42.71
C GLU A 438 4.98 17.32 41.89
N THR A 439 5.11 16.14 42.48
CA THR A 439 4.70 14.89 41.84
C THR A 439 3.23 14.51 42.12
N PHE A 440 2.39 14.56 41.10
CA PHE A 440 1.01 14.09 41.15
C PHE A 440 0.92 12.62 40.72
N TYR A 441 0.54 11.75 41.65
CA TYR A 441 0.19 10.37 41.31
C TYR A 441 -1.28 10.29 40.99
N VAL A 442 -1.62 10.16 39.71
CA VAL A 442 -2.99 10.29 39.29
C VAL A 442 -3.56 8.92 38.94
N ASP A 443 -4.89 8.84 38.89
CA ASP A 443 -5.57 7.62 38.51
C ASP A 443 -7.04 7.88 38.29
N GLY A 444 -7.61 7.13 37.35
CA GLY A 444 -9.05 7.16 37.11
C GLY A 444 -9.59 5.75 37.27
N ALA A 445 -10.91 5.61 37.21
CA ALA A 445 -11.55 4.31 37.40
C ALA A 445 -13.06 4.41 37.27
N ALA A 446 -13.63 3.56 36.42
CA ALA A 446 -15.08 3.54 36.21
C ALA A 446 -15.66 2.14 36.45
N ASN A 447 -16.89 2.08 36.97
CA ASN A 447 -17.60 0.83 37.11
C ASN A 447 -18.25 0.44 35.78
N ARG A 448 -18.05 -0.80 35.36
CA ARG A 448 -18.38 -1.22 34.00
C ARG A 448 -19.87 -1.13 33.69
N GLU A 449 -20.70 -1.52 34.67
CA GLU A 449 -22.15 -1.53 34.48
C GLU A 449 -22.76 -0.17 34.81
N THR A 450 -22.28 0.45 35.88
CA THR A 450 -22.81 1.74 36.33
C THR A 450 -22.50 2.88 35.36
N LYS A 451 -21.28 2.88 34.83
CA LYS A 451 -20.76 3.98 34.02
C LYS A 451 -20.37 5.15 34.91
N LEU A 452 -20.31 4.91 36.21
CA LEU A 452 -19.91 5.96 37.13
C LEU A 452 -18.40 5.95 37.19
N GLY A 453 -17.80 7.14 37.14
CA GLY A 453 -16.36 7.26 37.22
C GLY A 453 -15.89 8.18 38.33
N LYS A 454 -14.64 7.99 38.75
CA LYS A 454 -14.02 8.86 39.75
C LYS A 454 -12.54 9.07 39.44
N ALA A 455 -12.18 10.32 39.13
CA ALA A 455 -10.80 10.66 38.81
C ALA A 455 -10.15 11.45 39.95
N GLY A 456 -8.94 11.06 40.33
CA GLY A 456 -8.27 11.78 41.40
C GLY A 456 -6.77 11.91 41.26
N TYR A 457 -6.11 12.29 42.35
CA TYR A 457 -4.65 12.23 42.44
C TYR A 457 -4.19 12.34 43.89
N VAL A 458 -2.95 11.98 44.12
CA VAL A 458 -2.28 12.21 45.39
C VAL A 458 -0.94 12.84 45.05
N THR A 459 -0.42 13.72 45.89
CA THR A 459 0.90 14.26 45.63
C THR A 459 1.85 14.03 46.78
N ASN A 460 3.11 14.34 46.56
CA ASN A 460 4.15 14.10 47.56
C ASN A 460 4.14 15.26 48.56
N ARG A 461 3.41 16.32 48.24
CA ARG A 461 3.20 17.43 49.17
C ARG A 461 1.87 17.26 49.89
N GLY A 462 1.23 16.10 49.71
CA GLY A 462 0.12 15.72 50.56
C GLY A 462 -1.22 16.17 50.05
N ARG A 463 -1.25 16.84 48.90
CA ARG A 463 -2.54 17.17 48.32
C ARG A 463 -3.19 15.91 47.79
N GLN A 464 -4.52 15.93 47.79
CA GLN A 464 -5.33 14.79 47.37
C GLN A 464 -6.61 15.42 46.87
N LYS A 465 -7.24 14.80 45.87
CA LYS A 465 -8.50 15.34 45.38
C LYS A 465 -9.17 14.36 44.43
N VAL A 466 -10.38 13.95 44.76
CA VAL A 466 -11.13 13.05 43.90
C VAL A 466 -12.37 13.77 43.42
N VAL A 467 -12.79 13.47 42.20
CA VAL A 467 -14.01 14.01 41.64
C VAL A 467 -14.79 12.89 40.99
N THR A 468 -16.10 13.06 40.89
CA THR A 468 -16.93 12.04 40.28
C THR A 468 -17.31 12.43 38.86
N LEU A 469 -17.33 11.43 37.98
CA LEU A 469 -17.73 11.63 36.60
C LEU A 469 -18.88 10.67 36.33
N THR A 470 -19.83 11.12 35.52
CA THR A 470 -21.00 10.31 35.20
C THR A 470 -20.95 9.86 33.75
N ASP A 471 -21.33 8.60 33.52
CA ASP A 471 -21.35 8.04 32.18
C ASP A 471 -19.97 8.24 31.53
N THR A 472 -18.99 7.54 32.06
CA THR A 472 -17.62 7.67 31.63
C THR A 472 -17.00 6.29 31.49
N THR A 473 -16.07 6.15 30.54
CA THR A 473 -15.40 4.89 30.30
C THR A 473 -14.12 4.77 31.12
N ASN A 474 -13.70 3.54 31.36
CA ASN A 474 -12.56 3.26 32.21
C ASN A 474 -11.30 3.98 31.73
N GLN A 475 -11.37 4.60 30.56
CA GLN A 475 -10.19 5.22 29.98
C GLN A 475 -10.34 6.73 29.85
N LYS A 476 -11.58 7.20 29.83
CA LYS A 476 -11.84 8.64 29.98
C LYS A 476 -11.43 9.12 31.36
N THR A 477 -11.59 8.28 32.37
CA THR A 477 -11.27 8.68 33.73
C THR A 477 -9.76 8.85 33.90
N GLU A 478 -8.99 8.17 33.05
CA GLU A 478 -7.56 8.20 33.17
C GLU A 478 -7.01 9.49 32.58
N LEU A 479 -7.73 10.01 31.60
CA LEU A 479 -7.37 11.29 31.00
C LEU A 479 -7.82 12.45 31.90
N GLN A 480 -8.99 12.32 32.52
CA GLN A 480 -9.49 13.31 33.45
C GLN A 480 -8.52 13.47 34.62
N ALA A 481 -8.02 12.35 35.12
CA ALA A 481 -7.15 12.39 36.27
C ALA A 481 -5.91 13.19 35.91
N ILE A 482 -5.49 13.10 34.64
CA ILE A 482 -4.31 13.81 34.17
C ILE A 482 -4.63 15.28 33.97
N TYR A 483 -5.77 15.56 33.34
CA TYR A 483 -6.25 16.93 33.22
C TYR A 483 -6.37 17.56 34.60
N LEU A 484 -6.74 16.75 35.58
CA LEU A 484 -6.93 17.24 36.94
C LEU A 484 -5.61 17.68 37.56
N ALA A 485 -4.58 16.89 37.29
CA ALA A 485 -3.26 17.15 37.85
C ALA A 485 -2.62 18.32 37.10
N LEU A 486 -3.07 18.54 35.87
CA LEU A 486 -2.56 19.65 35.09
C LEU A 486 -3.13 20.97 35.58
N GLN A 487 -4.40 21.00 35.92
CA GLN A 487 -4.98 22.30 36.30
C GLN A 487 -4.82 22.69 37.77
N ASP A 488 -4.38 21.76 38.60
CA ASP A 488 -4.15 22.06 40.01
C ASP A 488 -2.66 22.18 40.31
N SER A 489 -1.82 21.98 39.29
CA SER A 489 -0.39 21.99 39.52
C SER A 489 0.20 23.33 39.16
N GLY A 490 1.47 23.52 39.49
CA GLY A 490 2.20 24.70 39.06
C GLY A 490 2.67 24.61 37.62
N LEU A 491 3.57 25.52 37.27
CA LEU A 491 4.06 25.60 35.91
C LEU A 491 5.01 24.46 35.63
N GLU A 492 5.53 23.84 36.68
CA GLU A 492 6.29 22.61 36.53
C GLU A 492 5.62 21.48 37.32
N VAL A 493 5.59 20.28 36.77
CA VAL A 493 4.88 19.19 37.42
C VAL A 493 5.23 17.84 36.84
N ASN A 494 5.51 16.88 37.72
CA ASN A 494 5.65 15.51 37.29
C ASN A 494 4.34 14.79 37.55
N ILE A 495 3.93 13.97 36.58
CA ILE A 495 2.68 13.24 36.68
C ILE A 495 2.93 11.74 36.51
N VAL A 496 2.49 10.94 37.46
CA VAL A 496 2.62 9.50 37.36
C VAL A 496 1.27 8.80 37.11
N THR A 497 1.20 8.02 36.04
CA THR A 497 -0.04 7.35 35.66
C THR A 497 0.25 5.88 35.41
N ASP A 498 -0.80 5.05 35.47
CA ASP A 498 -0.63 3.64 35.12
C ASP A 498 -1.39 3.34 33.84
N SER A 499 -1.79 4.39 33.13
CA SER A 499 -2.54 4.25 31.90
C SER A 499 -1.61 4.35 30.69
N GLN A 500 -1.28 3.21 30.08
CA GLN A 500 -0.51 3.22 28.83
C GLN A 500 -1.28 4.00 27.77
N TYR A 501 -2.60 3.84 27.78
CA TYR A 501 -3.46 4.52 26.84
C TYR A 501 -3.30 6.03 26.91
N ALA A 502 -3.38 6.56 28.13
CA ALA A 502 -3.21 8.00 28.35
C ALA A 502 -1.80 8.44 28.01
N LEU A 503 -0.83 7.66 28.46
CA LEU A 503 0.58 7.89 28.14
C LEU A 503 0.82 7.94 26.63
N GLY A 504 0.31 6.92 25.94
CA GLY A 504 0.50 6.85 24.51
C GLY A 504 0.02 8.11 23.82
N ILE A 505 -1.16 8.57 24.23
CA ILE A 505 -1.76 9.72 23.59
C ILE A 505 -0.91 10.96 23.83
N ILE A 506 -0.54 11.22 25.08
CA ILE A 506 0.10 12.49 25.40
C ILE A 506 1.51 12.49 24.88
N GLN A 507 2.12 11.31 24.91
CA GLN A 507 3.53 11.15 24.57
C GLN A 507 3.83 11.41 23.10
N ALA A 508 2.77 11.45 22.29
CA ALA A 508 2.88 11.71 20.85
C ALA A 508 2.73 13.20 20.54
N GLN A 509 2.64 14.01 21.58
CA GLN A 509 2.59 15.46 21.42
C GLN A 509 1.46 15.98 20.54
N PRO A 510 0.23 15.49 20.74
CA PRO A 510 -0.91 15.98 19.95
C PRO A 510 -1.07 17.50 20.06
N ASP A 511 -1.50 18.14 18.99
CA ASP A 511 -1.91 19.53 19.12
C ASP A 511 -3.34 19.73 18.61
N GLN A 512 -4.01 18.64 18.30
CA GLN A 512 -5.44 18.70 17.99
C GLN A 512 -6.08 17.33 18.18
N SER A 513 -7.37 17.32 18.48
CA SER A 513 -8.05 16.07 18.76
C SER A 513 -9.56 16.15 18.58
N GLU A 514 -10.14 14.99 18.30
CA GLU A 514 -11.59 14.83 18.24
C GLU A 514 -12.17 14.87 19.66
N SER A 515 -11.31 14.60 20.65
CA SER A 515 -11.72 14.56 22.06
C SER A 515 -11.66 15.93 22.74
N GLU A 516 -12.74 16.30 23.42
CA GLU A 516 -12.79 17.56 24.14
C GLU A 516 -11.77 17.56 25.28
N LEU A 517 -11.79 16.50 26.07
CA LEU A 517 -10.81 16.31 27.13
C LEU A 517 -9.40 16.53 26.60
N VAL A 518 -9.02 15.74 25.59
CA VAL A 518 -7.68 15.79 25.06
C VAL A 518 -7.36 17.19 24.56
N ASN A 519 -8.39 17.87 24.06
CA ASN A 519 -8.21 19.26 23.65
C ASN A 519 -7.97 20.15 24.86
N GLN A 520 -8.54 19.78 26.00
CA GLN A 520 -8.33 20.56 27.20
C GLN A 520 -6.93 20.30 27.78
N ILE A 521 -6.55 19.03 27.88
CA ILE A 521 -5.19 18.69 28.30
C ILE A 521 -4.18 19.40 27.43
N ILE A 522 -4.46 19.51 26.13
CA ILE A 522 -3.49 20.13 25.25
C ILE A 522 -3.34 21.62 25.59
N GLU A 523 -4.45 22.30 25.82
CA GLU A 523 -4.38 23.73 26.11
C GLU A 523 -3.57 23.93 27.38
N GLN A 524 -3.63 22.94 28.27
CA GLN A 524 -2.90 23.00 29.52
C GLN A 524 -1.41 22.77 29.33
N LEU A 525 -1.08 21.76 28.53
CA LEU A 525 0.30 21.36 28.37
C LEU A 525 1.08 22.50 27.73
N ILE A 526 0.36 23.32 26.98
CA ILE A 526 0.95 24.48 26.34
C ILE A 526 1.17 25.61 27.34
N LYS A 527 0.26 25.75 28.31
CA LYS A 527 0.38 26.81 29.32
C LYS A 527 1.59 26.59 30.22
N LYS A 528 2.08 25.36 30.27
CA LYS A 528 3.07 24.98 31.25
C LYS A 528 4.51 25.36 30.90
N GLU A 529 5.39 25.16 31.86
CA GLU A 529 6.81 25.41 31.66
C GLU A 529 7.51 24.08 31.46
N LYS A 530 7.19 23.11 32.31
CA LYS A 530 7.75 21.78 32.19
C LYS A 530 6.75 20.74 32.67
N VAL A 531 6.54 19.71 31.87
CA VAL A 531 5.74 18.58 32.31
C VAL A 531 6.53 17.34 32.04
N TYR A 532 6.68 16.51 33.07
CA TYR A 532 7.23 15.18 32.88
C TYR A 532 6.17 14.12 33.19
N LEU A 533 6.00 13.19 32.26
CA LEU A 533 4.98 12.17 32.38
C LEU A 533 5.62 10.80 32.53
N ALA A 534 5.23 10.09 33.58
CA ALA A 534 5.75 8.75 33.88
C ALA A 534 4.65 7.71 34.00
N TRP A 535 5.00 6.46 33.73
CA TRP A 535 4.07 5.35 33.77
C TRP A 535 4.53 4.29 34.77
N VAL A 536 3.57 3.70 35.45
CA VAL A 536 3.84 2.64 36.43
C VAL A 536 2.89 1.46 36.22
N PRO A 537 3.30 0.28 36.63
CA PRO A 537 2.39 -0.88 36.68
C PRO A 537 1.27 -0.75 37.71
N ALA A 538 0.03 -0.91 37.26
CA ALA A 538 -1.13 -0.89 38.15
C ALA A 538 -1.09 -2.07 39.10
N HIS A 539 -1.60 -1.88 40.31
CA HIS A 539 -1.81 -2.98 41.27
C HIS A 539 -0.51 -3.70 41.61
N LYS A 540 0.60 -2.98 41.63
CA LYS A 540 1.84 -3.59 42.06
C LYS A 540 2.25 -3.03 43.42
N GLY A 541 1.42 -2.12 43.93
CA GLY A 541 1.68 -1.57 45.25
C GLY A 541 2.78 -0.53 45.19
N ILE A 542 3.04 -0.04 43.98
CA ILE A 542 4.09 0.93 43.81
C ILE A 542 3.68 2.22 44.47
N GLY A 543 4.57 2.76 45.30
CA GLY A 543 4.50 4.16 45.71
C GLY A 543 3.12 4.76 45.69
N GLY A 544 3.04 6.02 45.31
CA GLY A 544 1.80 6.76 45.45
C GLY A 544 0.67 6.22 44.60
N ASN A 545 0.96 5.21 43.80
CA ASN A 545 -0.05 4.61 42.93
C ASN A 545 -1.09 3.90 43.80
N GLU A 546 -0.58 3.15 44.78
CA GLU A 546 -1.45 2.45 45.73
C GLU A 546 -2.48 3.39 46.34
N GLN A 547 -2.05 4.60 46.70
CA GLN A 547 -2.91 5.53 47.43
C GLN A 547 -4.05 6.09 46.59
N VAL A 548 -3.72 6.59 45.42
CA VAL A 548 -4.73 7.23 44.58
C VAL A 548 -5.62 6.17 43.95
N ASP A 549 -5.12 4.94 43.91
CA ASP A 549 -5.87 3.80 43.38
C ASP A 549 -6.99 3.45 44.35
N LYS A 550 -6.70 3.59 45.63
CA LYS A 550 -7.66 3.32 46.70
C LYS A 550 -8.75 4.38 46.75
N LEU A 551 -8.36 5.62 46.44
CA LEU A 551 -9.26 6.74 46.53
C LEU A 551 -10.38 6.69 45.50
N VAL A 552 -10.14 5.97 44.42
CA VAL A 552 -11.12 5.88 43.34
C VAL A 552 -11.83 4.51 43.28
N SER A 553 -13.11 4.51 43.68
CA SER A 553 -13.92 3.29 43.71
C SER A 553 -15.26 3.55 44.43
N ILE B 5 13.37 -31.26 -21.26
CA ILE B 5 13.12 -31.58 -19.82
C ILE B 5 11.62 -31.73 -19.55
N GLU B 6 11.27 -32.63 -18.63
CA GLU B 6 9.87 -32.94 -18.34
C GLU B 6 9.37 -32.10 -17.18
N THR B 7 8.27 -31.39 -17.38
CA THR B 7 7.76 -30.47 -16.36
C THR B 7 7.00 -31.18 -15.25
N VAL B 8 6.86 -30.50 -14.12
CA VAL B 8 6.19 -31.05 -12.96
C VAL B 8 4.83 -30.41 -12.79
N PRO B 9 3.76 -31.21 -12.83
CA PRO B 9 2.42 -30.68 -12.61
C PRO B 9 2.31 -29.96 -11.28
N VAL B 10 1.67 -28.80 -11.27
CA VAL B 10 1.56 -27.98 -10.07
C VAL B 10 0.09 -27.66 -9.80
N LYS B 11 -0.41 -28.05 -8.64
CA LYS B 11 -1.79 -27.76 -8.27
C LYS B 11 -1.87 -26.61 -7.26
N LEU B 12 -2.68 -25.59 -7.55
CA LEU B 12 -3.03 -24.62 -6.52
C LEU B 12 -3.74 -25.37 -5.37
N LYS B 13 -3.85 -24.72 -4.22
CA LYS B 13 -4.60 -25.32 -3.12
C LYS B 13 -6.08 -25.27 -3.52
N PRO B 14 -6.81 -26.38 -3.29
CA PRO B 14 -8.17 -26.51 -3.85
C PRO B 14 -9.10 -25.37 -3.43
N GLY B 15 -10.07 -25.07 -4.30
CA GLY B 15 -10.92 -23.93 -4.07
C GLY B 15 -10.28 -22.62 -4.49
N MET B 16 -9.34 -22.13 -3.68
CA MET B 16 -8.84 -20.76 -3.84
C MET B 16 -8.18 -20.52 -5.19
N ASP B 17 -8.29 -19.28 -5.67
CA ASP B 17 -7.92 -18.93 -7.03
C ASP B 17 -6.55 -18.25 -7.03
N GLY B 18 -6.03 -17.99 -8.23
CA GLY B 18 -4.73 -17.38 -8.34
C GLY B 18 -4.71 -15.97 -7.80
N PRO B 19 -3.52 -15.33 -7.82
CA PRO B 19 -3.27 -13.97 -7.33
C PRO B 19 -3.86 -12.90 -8.25
N LYS B 20 -4.35 -11.81 -7.66
CA LYS B 20 -4.81 -10.68 -8.45
C LYS B 20 -4.39 -9.41 -7.71
N VAL B 21 -3.11 -9.32 -7.42
CA VAL B 21 -2.60 -8.21 -6.64
C VAL B 21 -2.28 -7.12 -7.62
N LYS B 22 -2.72 -5.89 -7.31
CA LYS B 22 -2.53 -4.77 -8.22
C LYS B 22 -1.07 -4.34 -8.23
N GLN B 23 -0.64 -3.78 -9.35
CA GLN B 23 0.72 -3.31 -9.50
C GLN B 23 0.89 -1.93 -8.86
N TRP B 24 1.98 -1.75 -8.12
CA TRP B 24 2.28 -0.45 -7.55
C TRP B 24 2.86 0.47 -8.61
N PRO B 25 2.61 1.78 -8.49
CA PRO B 25 3.22 2.71 -9.45
C PRO B 25 4.74 2.71 -9.28
N LEU B 26 5.44 2.72 -10.41
CA LEU B 26 6.88 2.69 -10.40
C LEU B 26 7.39 3.98 -11.02
N THR B 27 8.60 4.38 -10.67
CA THR B 27 9.18 5.55 -11.29
C THR B 27 9.62 5.23 -12.72
N GLU B 28 9.82 6.26 -13.52
CA GLU B 28 10.14 6.07 -14.93
C GLU B 28 11.40 5.25 -15.10
N GLU B 29 12.40 5.49 -14.28
CA GLU B 29 13.69 4.82 -14.45
C GLU B 29 13.57 3.33 -14.19
N LYS B 30 12.68 2.95 -13.28
CA LYS B 30 12.51 1.55 -12.93
C LYS B 30 11.70 0.86 -14.00
N ILE B 31 10.69 1.55 -14.50
CA ILE B 31 9.91 1.05 -15.62
C ILE B 31 10.86 0.75 -16.80
N LYS B 32 11.67 1.72 -17.16
CA LYS B 32 12.61 1.54 -18.27
C LYS B 32 13.54 0.38 -18.05
N ALA B 33 14.07 0.24 -16.85
CA ALA B 33 14.92 -0.89 -16.52
C ALA B 33 14.15 -2.18 -16.72
N LEU B 34 12.87 -2.17 -16.38
CA LEU B 34 12.07 -3.39 -16.42
C LEU B 34 11.73 -3.77 -17.86
N VAL B 35 11.47 -2.77 -18.69
CA VAL B 35 11.23 -3.02 -20.10
C VAL B 35 12.44 -3.69 -20.75
N GLU B 36 13.61 -3.08 -20.59
CA GLU B 36 14.84 -3.67 -21.10
C GLU B 36 14.93 -5.11 -20.64
N ILE B 37 14.91 -5.30 -19.33
CA ILE B 37 15.06 -6.63 -18.76
C ILE B 37 14.08 -7.62 -19.37
N CYS B 38 12.82 -7.19 -19.48
CA CYS B 38 11.76 -8.10 -19.93
C CYS B 38 11.76 -8.33 -21.43
N THR B 39 12.18 -7.33 -22.21
CA THR B 39 12.34 -7.52 -23.64
C THR B 39 13.37 -8.60 -23.92
N GLU B 40 14.39 -8.65 -23.07
CA GLU B 40 15.45 -9.62 -23.21
C GLU B 40 15.00 -11.02 -22.80
N MET B 41 14.26 -11.13 -21.69
CA MET B 41 13.82 -12.44 -21.19
C MET B 41 12.82 -13.06 -22.16
N GLU B 42 12.15 -12.20 -22.93
CA GLU B 42 11.15 -12.63 -23.89
C GLU B 42 11.82 -13.15 -25.15
N LYS B 43 12.88 -12.46 -25.57
CA LYS B 43 13.73 -12.97 -26.64
C LYS B 43 14.23 -14.35 -26.25
N GLU B 44 14.66 -14.49 -24.99
CA GLU B 44 15.22 -15.76 -24.54
C GLU B 44 14.13 -16.77 -24.17
N GLY B 45 12.87 -16.37 -24.35
CA GLY B 45 11.78 -17.32 -24.20
C GLY B 45 11.39 -17.66 -22.77
N LYS B 46 11.86 -16.89 -21.80
CA LYS B 46 11.55 -17.16 -20.40
C LYS B 46 10.15 -16.67 -20.02
N ILE B 47 9.75 -15.56 -20.63
CA ILE B 47 8.41 -15.04 -20.47
C ILE B 47 7.77 -14.82 -21.85
N SER B 48 6.44 -14.75 -21.88
CA SER B 48 5.73 -14.40 -23.11
C SER B 48 4.63 -13.38 -22.85
N LYS B 49 4.39 -12.49 -23.80
CA LYS B 49 3.33 -11.52 -23.65
C LYS B 49 1.99 -12.23 -23.54
N ILE B 50 1.07 -11.71 -22.73
CA ILE B 50 -0.19 -12.40 -22.53
C ILE B 50 -1.40 -11.53 -22.81
N GLY B 51 -2.54 -12.19 -22.98
CA GLY B 51 -3.79 -11.50 -23.24
C GLY B 51 -4.57 -11.10 -22.00
N PRO B 52 -5.73 -10.45 -22.20
CA PRO B 52 -6.68 -10.04 -21.16
C PRO B 52 -7.46 -11.21 -20.60
N GLU B 53 -7.37 -12.34 -21.29
CA GLU B 53 -8.02 -13.57 -20.85
C GLU B 53 -7.31 -14.13 -19.63
N ASN B 54 -6.23 -13.48 -19.21
CA ASN B 54 -5.54 -13.84 -17.98
C ASN B 54 -5.87 -12.80 -16.92
N PRO B 55 -6.74 -13.18 -15.96
CA PRO B 55 -7.23 -12.29 -14.90
C PRO B 55 -6.18 -11.97 -13.82
N TYR B 56 -5.15 -12.80 -13.72
CA TYR B 56 -4.24 -12.79 -12.59
C TYR B 56 -3.19 -11.72 -12.70
N ASN B 57 -2.61 -11.34 -11.56
CA ASN B 57 -1.50 -10.41 -11.52
C ASN B 57 -0.74 -10.49 -10.22
N THR B 58 0.59 -10.38 -10.31
CA THR B 58 1.42 -10.13 -9.15
C THR B 58 2.32 -8.92 -9.44
N PRO B 59 2.70 -8.18 -8.41
CA PRO B 59 3.52 -6.97 -8.52
C PRO B 59 4.94 -7.28 -8.98
N VAL B 60 5.54 -6.34 -9.68
CA VAL B 60 6.97 -6.39 -9.95
C VAL B 60 7.64 -5.07 -9.58
N PHE B 61 8.91 -5.16 -9.20
CA PHE B 61 9.66 -3.98 -8.87
C PHE B 61 11.04 -4.13 -9.47
N ALA B 62 11.79 -3.04 -9.52
CA ALA B 62 13.20 -3.07 -9.85
C ALA B 62 14.04 -2.69 -8.63
N ILE B 63 15.00 -3.54 -8.29
CA ILE B 63 16.00 -3.19 -7.30
C ILE B 63 17.38 -3.11 -7.93
N LYS B 64 18.32 -2.54 -7.18
CA LYS B 64 19.67 -2.35 -7.69
C LYS B 64 20.68 -3.18 -6.90
N LYS B 65 20.42 -4.48 -6.78
CA LYS B 65 21.36 -5.43 -6.19
C LYS B 65 21.60 -5.14 -4.72
N SER B 68 26.36 -3.37 -6.70
CA SER B 68 26.30 -3.42 -8.16
C SER B 68 25.39 -2.31 -8.71
N THR B 69 25.72 -1.81 -9.89
CA THR B 69 24.88 -0.83 -10.58
C THR B 69 24.11 -1.45 -11.75
N LYS B 70 23.68 -2.69 -11.57
CA LYS B 70 22.76 -3.33 -12.52
C LYS B 70 21.37 -3.42 -11.91
N TRP B 71 20.38 -2.83 -12.57
CA TRP B 71 18.99 -3.03 -12.18
C TRP B 71 18.63 -4.50 -12.26
N ARG B 72 17.83 -4.97 -11.31
CA ARG B 72 17.37 -6.34 -11.32
C ARG B 72 15.84 -6.37 -11.16
N LYS B 73 15.21 -7.41 -11.66
CA LYS B 73 13.76 -7.55 -11.56
C LYS B 73 13.38 -8.36 -10.35
N LEU B 74 12.46 -7.85 -9.55
CA LEU B 74 12.02 -8.51 -8.32
C LEU B 74 10.52 -8.71 -8.42
N VAL B 75 10.07 -9.93 -8.64
CA VAL B 75 8.64 -10.16 -8.69
C VAL B 75 8.12 -10.51 -7.30
N ASP B 76 7.09 -9.80 -6.86
CA ASP B 76 6.52 -10.03 -5.54
C ASP B 76 5.51 -11.18 -5.56
N PHE B 77 5.98 -12.38 -5.26
CA PHE B 77 5.14 -13.57 -5.27
C PHE B 77 4.55 -13.93 -3.93
N ARG B 78 4.43 -12.95 -3.03
CA ARG B 78 3.93 -13.25 -1.71
C ARG B 78 2.56 -13.91 -1.75
N GLU B 79 1.67 -13.41 -2.60
CA GLU B 79 0.32 -13.95 -2.67
C GLU B 79 0.33 -15.35 -3.25
N LEU B 80 0.90 -15.50 -4.45
CA LEU B 80 1.05 -16.79 -5.10
C LEU B 80 1.62 -17.85 -4.17
N ASN B 81 2.71 -17.50 -3.48
CA ASN B 81 3.34 -18.45 -2.56
C ASN B 81 2.34 -18.89 -1.49
N LYS B 82 1.63 -17.92 -0.94
CA LYS B 82 0.62 -18.19 0.07
C LYS B 82 -0.45 -19.12 -0.49
N ARG B 83 -0.80 -18.93 -1.75
CA ARG B 83 -1.82 -19.73 -2.40
C ARG B 83 -1.34 -21.07 -2.97
N THR B 84 -0.03 -21.26 -3.04
CA THR B 84 0.54 -22.50 -3.57
C THR B 84 1.19 -23.33 -2.48
N GLN B 85 1.06 -22.87 -1.24
CA GLN B 85 1.79 -23.44 -0.10
C GLN B 85 1.68 -24.96 0.08
N ASP B 86 0.67 -25.58 -0.52
CA ASP B 86 0.55 -27.02 -0.40
C ASP B 86 1.62 -27.67 -1.24
N PHE B 87 1.94 -27.03 -2.36
CA PHE B 87 2.91 -27.59 -3.28
C PHE B 87 4.34 -27.49 -2.76
N TRP B 88 4.76 -26.30 -2.32
CA TRP B 88 6.15 -26.10 -1.95
C TRP B 88 6.49 -26.49 -0.50
N GLU B 89 5.48 -26.74 0.30
CA GLU B 89 5.73 -27.01 1.71
C GLU B 89 5.40 -28.43 2.15
N VAL B 90 4.25 -28.94 1.73
CA VAL B 90 3.78 -30.23 2.25
C VAL B 90 3.96 -31.35 1.25
N GLN B 91 4.04 -30.98 -0.02
CA GLN B 91 4.15 -31.94 -1.12
C GLN B 91 5.62 -32.19 -1.46
N LEU B 92 6.39 -31.10 -1.53
CA LEU B 92 7.79 -31.16 -1.91
C LEU B 92 8.68 -30.33 -0.99
N GLY B 93 8.33 -30.28 0.29
CA GLY B 93 9.09 -29.48 1.22
C GLY B 93 10.59 -29.73 1.19
N ILE B 94 11.37 -28.69 1.44
CA ILE B 94 12.82 -28.83 1.53
C ILE B 94 13.20 -28.78 3.00
N PRO B 95 13.86 -29.85 3.48
CA PRO B 95 14.24 -29.99 4.89
C PRO B 95 15.25 -28.93 5.34
N HIS B 96 15.03 -28.36 6.52
CA HIS B 96 15.94 -27.36 7.07
C HIS B 96 16.90 -27.97 8.09
N PRO B 97 18.23 -27.86 7.83
CA PRO B 97 19.27 -28.37 8.71
C PRO B 97 19.41 -27.53 9.97
N ALA B 98 19.44 -28.18 11.13
CA ALA B 98 19.57 -27.46 12.38
C ALA B 98 21.04 -27.19 12.66
N GLY B 99 21.92 -27.83 11.89
CA GLY B 99 23.34 -27.64 12.05
C GLY B 99 23.82 -26.35 11.41
N LEU B 100 23.05 -25.84 10.45
CA LEU B 100 23.40 -24.58 9.80
C LEU B 100 23.71 -23.47 10.82
N LYS B 101 22.79 -23.21 11.75
CA LYS B 101 22.97 -22.10 12.68
C LYS B 101 24.14 -22.31 13.62
N LYS B 102 24.67 -23.51 13.69
CA LYS B 102 25.78 -23.78 14.59
C LYS B 102 27.16 -23.47 13.99
N LYS B 103 27.20 -23.15 12.70
CA LYS B 103 28.45 -23.02 11.98
C LYS B 103 29.18 -21.72 12.27
N LYS B 104 30.50 -21.72 12.12
CA LYS B 104 31.28 -20.51 12.36
C LYS B 104 31.01 -19.47 11.29
N SER B 105 30.84 -19.94 10.06
CA SER B 105 30.61 -19.05 8.92
C SER B 105 29.56 -19.59 7.94
N VAL B 106 28.71 -18.70 7.46
CA VAL B 106 27.71 -19.07 6.48
C VAL B 106 27.77 -18.09 5.34
N THR B 107 27.96 -18.59 4.14
CA THR B 107 27.94 -17.74 2.97
C THR B 107 26.60 -17.91 2.26
N VAL B 108 26.03 -16.81 1.78
CA VAL B 108 24.78 -16.87 1.02
C VAL B 108 25.08 -16.66 -0.46
N LEU B 109 24.74 -17.62 -1.30
CA LEU B 109 24.93 -17.48 -2.74
C LEU B 109 23.60 -17.45 -3.46
N ASP B 110 23.48 -16.57 -4.44
CA ASP B 110 22.31 -16.53 -5.30
C ASP B 110 22.39 -17.59 -6.38
N VAL B 111 21.47 -18.55 -6.39
CA VAL B 111 21.46 -19.55 -7.45
C VAL B 111 20.20 -19.43 -8.30
N GLY B 112 19.60 -18.24 -8.28
CA GLY B 112 18.35 -18.03 -8.97
C GLY B 112 18.37 -18.29 -10.47
N ASP B 113 19.54 -18.17 -11.09
CA ASP B 113 19.65 -18.44 -12.53
C ASP B 113 19.34 -19.88 -12.86
N ALA B 114 19.58 -20.78 -11.91
CA ALA B 114 19.25 -22.18 -12.14
C ALA B 114 17.85 -22.35 -12.72
N TYR B 115 16.90 -21.54 -12.25
CA TYR B 115 15.49 -21.77 -12.56
C TYR B 115 15.07 -21.47 -14.00
N PHE B 116 15.81 -20.62 -14.69
CA PHE B 116 15.41 -20.15 -16.02
C PHE B 116 15.57 -21.23 -17.09
N SER B 117 16.18 -22.35 -16.71
CA SER B 117 16.42 -23.45 -17.64
C SER B 117 15.40 -24.56 -17.54
N VAL B 118 14.62 -24.55 -16.47
CA VAL B 118 13.60 -25.56 -16.30
C VAL B 118 12.24 -25.00 -16.68
N PRO B 119 11.49 -25.75 -17.52
CA PRO B 119 10.20 -25.27 -18.00
C PRO B 119 9.13 -25.37 -16.92
N LEU B 120 8.19 -24.45 -16.95
CA LEU B 120 7.12 -24.41 -15.96
C LEU B 120 5.88 -25.13 -16.49
N ASP B 121 5.21 -25.90 -15.63
CA ASP B 121 4.00 -26.63 -16.02
C ASP B 121 3.05 -25.73 -16.81
N GLU B 122 2.68 -26.20 -17.98
CA GLU B 122 1.89 -25.43 -18.94
C GLU B 122 0.63 -24.83 -18.31
N ASP B 123 -0.03 -25.60 -17.47
CA ASP B 123 -1.29 -25.19 -16.89
C ASP B 123 -1.11 -24.28 -15.67
N PHE B 124 0.13 -24.02 -15.30
CA PHE B 124 0.36 -23.19 -14.14
C PHE B 124 0.83 -21.79 -14.53
N ARG B 125 1.37 -21.67 -15.74
CA ARG B 125 1.95 -20.41 -16.19
C ARG B 125 1.08 -19.17 -16.04
N LYS B 126 -0.22 -19.34 -16.09
CA LYS B 126 -1.10 -18.18 -16.12
C LYS B 126 -1.12 -17.50 -14.76
N TYR B 127 -0.73 -18.24 -13.74
CA TYR B 127 -0.71 -17.72 -12.40
C TYR B 127 0.50 -16.85 -12.12
N THR B 128 1.49 -16.88 -13.01
CA THR B 128 2.69 -16.07 -12.82
C THR B 128 2.61 -14.72 -13.53
N ALA B 129 1.42 -14.33 -13.99
CA ALA B 129 1.25 -13.09 -14.73
C ALA B 129 1.70 -11.85 -13.94
N PHE B 130 2.41 -10.95 -14.62
CA PHE B 130 2.71 -9.65 -14.04
C PHE B 130 2.56 -8.53 -15.05
N THR B 131 2.64 -7.28 -14.60
CA THR B 131 2.38 -6.13 -15.47
C THR B 131 3.44 -5.05 -15.27
N ILE B 132 4.03 -4.58 -16.36
CA ILE B 132 4.86 -3.38 -16.28
C ILE B 132 4.00 -2.15 -16.55
N PRO B 133 3.89 -1.25 -15.57
CA PRO B 133 2.99 -0.09 -15.72
C PRO B 133 3.58 0.96 -16.65
N SER B 134 2.78 1.96 -17.00
CA SER B 134 3.28 3.09 -17.77
C SER B 134 2.92 4.36 -17.04
N ILE B 135 3.78 5.37 -17.16
CA ILE B 135 3.52 6.66 -16.55
C ILE B 135 2.27 7.34 -17.11
N ASN B 136 1.48 7.90 -16.22
CA ASN B 136 0.25 8.62 -16.56
C ASN B 136 -0.70 7.75 -17.39
N ASN B 137 -0.46 6.44 -17.36
CA ASN B 137 -1.35 5.52 -18.07
C ASN B 137 -1.42 5.84 -19.55
N GLU B 138 -0.29 6.24 -20.12
CA GLU B 138 -0.22 6.50 -21.55
C GLU B 138 -0.68 5.29 -22.36
N THR B 139 -0.15 4.12 -22.00
CA THR B 139 -0.50 2.87 -22.66
C THR B 139 -1.04 1.90 -21.61
N PRO B 140 -1.65 0.80 -22.04
CA PRO B 140 -1.93 -0.23 -21.03
C PRO B 140 -0.63 -0.89 -20.58
N GLY B 141 -0.64 -1.50 -19.41
CA GLY B 141 0.57 -2.13 -18.95
C GLY B 141 1.07 -3.10 -20.01
N ILE B 142 2.34 -3.47 -19.90
CA ILE B 142 2.90 -4.56 -20.70
C ILE B 142 2.78 -5.84 -19.87
N ARG B 143 2.02 -6.81 -20.36
CA ARG B 143 1.73 -8.01 -19.57
C ARG B 143 2.50 -9.23 -20.03
N TYR B 144 3.07 -9.97 -19.08
CA TYR B 144 3.81 -11.18 -19.38
C TYR B 144 3.41 -12.28 -18.43
N GLN B 145 3.69 -13.53 -18.80
CA GLN B 145 3.77 -14.61 -17.84
C GLN B 145 5.04 -15.43 -18.06
N TYR B 146 5.31 -16.35 -17.14
CA TYR B 146 6.54 -17.15 -17.16
C TYR B 146 6.36 -18.46 -17.93
N ASN B 147 7.42 -18.89 -18.63
CA ASN B 147 7.45 -20.21 -19.24
C ASN B 147 8.42 -21.13 -18.52
N VAL B 148 9.23 -20.56 -17.64
CA VAL B 148 10.23 -21.31 -16.88
C VAL B 148 10.03 -21.06 -15.38
N LEU B 149 10.70 -21.84 -14.54
CA LEU B 149 10.66 -21.56 -13.11
C LEU B 149 11.06 -20.12 -12.86
N PRO B 150 10.15 -19.35 -12.26
CA PRO B 150 10.38 -17.94 -11.91
C PRO B 150 11.16 -17.84 -10.60
N GLN B 151 11.97 -16.80 -10.48
CA GLN B 151 12.57 -16.47 -9.19
C GLN B 151 11.53 -15.81 -8.28
N GLY B 152 11.62 -16.08 -6.99
CA GLY B 152 10.68 -15.47 -6.05
C GLY B 152 9.54 -16.38 -5.67
N TRP B 153 9.23 -17.34 -6.54
CA TRP B 153 8.23 -18.35 -6.26
C TRP B 153 8.82 -19.49 -5.47
N LYS B 154 8.21 -19.83 -4.35
CA LYS B 154 8.70 -20.93 -3.54
C LYS B 154 8.49 -22.29 -4.18
N GLY B 155 7.84 -22.32 -5.33
CA GLY B 155 7.71 -23.58 -6.04
C GLY B 155 8.97 -23.93 -6.80
N SER B 156 9.72 -22.92 -7.23
CA SER B 156 10.91 -23.13 -8.06
C SER B 156 11.98 -23.95 -7.36
N PRO B 157 12.36 -23.57 -6.12
CA PRO B 157 13.29 -24.45 -5.41
C PRO B 157 12.66 -25.81 -5.10
N ALA B 158 11.35 -25.82 -4.84
CA ALA B 158 10.68 -27.08 -4.52
C ALA B 158 10.82 -28.04 -5.70
N ILE B 159 10.60 -27.51 -6.89
CA ILE B 159 10.67 -28.31 -8.10
C ILE B 159 12.10 -28.64 -8.50
N PHE B 160 13.00 -27.66 -8.40
CA PHE B 160 14.35 -27.82 -8.89
C PHE B 160 15.24 -28.60 -7.94
N GLN B 161 14.73 -28.90 -6.75
CA GLN B 161 15.62 -29.40 -5.71
C GLN B 161 16.37 -30.68 -6.10
N SER B 162 15.70 -31.62 -6.76
CA SER B 162 16.38 -32.86 -7.10
C SER B 162 17.48 -32.70 -8.17
N SER B 163 17.35 -31.67 -9.02
CA SER B 163 18.49 -31.28 -9.85
C SER B 163 19.58 -30.61 -9.01
N MET B 164 19.16 -29.92 -7.93
CA MET B 164 20.11 -29.32 -7.02
C MET B 164 20.91 -30.38 -6.26
N THR B 165 20.24 -31.45 -5.87
CA THR B 165 20.91 -32.52 -5.13
C THR B 165 22.00 -33.17 -5.96
N LYS B 166 21.71 -33.43 -7.23
CA LYS B 166 22.72 -33.96 -8.16
C LYS B 166 23.90 -33.01 -8.27
N ILE B 167 23.62 -31.73 -8.52
CA ILE B 167 24.68 -30.77 -8.70
C ILE B 167 25.62 -30.73 -7.49
N LEU B 168 25.07 -30.86 -6.30
CA LEU B 168 25.83 -30.66 -5.07
C LEU B 168 26.42 -31.95 -4.52
N GLU B 169 26.02 -33.08 -5.09
CA GLU B 169 26.34 -34.37 -4.50
C GLU B 169 27.85 -34.61 -4.36
N PRO B 170 28.63 -34.36 -5.42
CA PRO B 170 30.08 -34.52 -5.31
C PRO B 170 30.67 -33.61 -4.24
N PHE B 171 30.30 -32.33 -4.29
CA PHE B 171 30.82 -31.38 -3.32
C PHE B 171 30.43 -31.79 -1.89
N ARG B 172 29.22 -32.29 -1.72
CA ARG B 172 28.82 -32.78 -0.40
C ARG B 172 29.65 -34.01 0.01
N LYS B 173 29.82 -34.95 -0.92
CA LYS B 173 30.56 -36.16 -0.62
C LYS B 173 31.95 -35.81 -0.15
N GLN B 174 32.56 -34.80 -0.78
CA GLN B 174 33.95 -34.46 -0.51
C GLN B 174 34.13 -33.61 0.73
N ASN B 175 33.09 -32.86 1.09
CA ASN B 175 33.11 -32.10 2.34
C ASN B 175 31.86 -32.44 3.16
N PRO B 176 31.91 -33.55 3.92
CA PRO B 176 30.78 -34.05 4.72
C PRO B 176 30.41 -33.17 5.94
N ASP B 177 31.32 -32.30 6.35
CA ASP B 177 31.05 -31.42 7.47
C ASP B 177 30.53 -30.05 7.05
N ILE B 178 30.33 -29.86 5.76
CA ILE B 178 29.77 -28.62 5.28
C ILE B 178 28.28 -28.74 5.07
N VAL B 179 27.57 -27.74 5.56
CA VAL B 179 26.11 -27.75 5.48
C VAL B 179 25.63 -26.76 4.40
N ILE B 180 24.84 -27.29 3.48
CA ILE B 180 24.31 -26.49 2.40
C ILE B 180 22.79 -26.54 2.48
N TYR B 181 22.17 -25.36 2.47
CA TYR B 181 20.72 -25.25 2.57
C TYR B 181 20.20 -24.30 1.52
N GLN B 182 19.17 -24.72 0.83
CA GLN B 182 18.57 -23.90 -0.20
C GLN B 182 17.32 -23.23 0.36
N TYR B 183 17.20 -21.93 0.16
CA TYR B 183 15.97 -21.23 0.48
C TYR B 183 15.63 -20.21 -0.61
N MET B 184 14.50 -20.44 -1.27
CA MET B 184 14.11 -19.59 -2.39
C MET B 184 15.24 -19.53 -3.44
N ASP B 185 15.68 -18.33 -3.78
CA ASP B 185 16.69 -18.15 -4.83
C ASP B 185 18.10 -18.28 -4.31
N ASP B 186 18.24 -18.70 -3.06
CA ASP B 186 19.53 -18.64 -2.40
C ASP B 186 20.05 -19.98 -1.91
N LEU B 187 21.38 -20.07 -1.87
CA LEU B 187 22.06 -21.21 -1.27
C LEU B 187 22.81 -20.75 -0.02
N TYR B 188 22.64 -21.47 1.08
CA TYR B 188 23.27 -21.11 2.35
C TYR B 188 24.31 -22.16 2.69
N VAL B 189 25.56 -21.71 2.80
CA VAL B 189 26.68 -22.64 2.89
C VAL B 189 27.47 -22.39 4.14
N GLY B 190 27.45 -23.37 5.04
CA GLY B 190 28.09 -23.19 6.34
C GLY B 190 29.17 -24.20 6.68
N SER B 191 30.25 -23.73 7.29
CA SER B 191 31.31 -24.62 7.70
C SER B 191 31.91 -24.09 9.00
N ASP B 192 32.86 -24.84 9.55
CA ASP B 192 33.60 -24.40 10.73
C ASP B 192 35.06 -24.08 10.42
N LEU B 193 35.43 -24.12 9.13
CA LEU B 193 36.80 -23.87 8.70
C LEU B 193 37.31 -22.50 9.15
N GLU B 194 38.62 -22.28 9.09
CA GLU B 194 39.13 -20.91 9.26
C GLU B 194 38.73 -20.16 8.01
N ILE B 195 38.64 -18.84 8.12
CA ILE B 195 37.91 -18.05 7.15
C ILE B 195 38.48 -18.11 5.71
N GLY B 196 39.81 -18.17 5.60
CA GLY B 196 40.42 -18.36 4.28
C GLY B 196 40.06 -19.69 3.65
N GLN B 197 40.04 -20.75 4.46
CA GLN B 197 39.66 -22.07 3.94
C GLN B 197 38.19 -22.10 3.59
N HIS B 198 37.38 -21.39 4.37
CA HIS B 198 35.95 -21.36 4.14
C HIS B 198 35.71 -20.69 2.80
N ARG B 199 36.37 -19.56 2.60
CA ARG B 199 36.27 -18.82 1.37
C ARG B 199 36.79 -19.63 0.17
N THR B 200 37.82 -20.43 0.41
CA THR B 200 38.35 -21.27 -0.65
C THR B 200 37.29 -22.27 -1.03
N LYS B 201 36.65 -22.84 -0.01
CA LYS B 201 35.61 -23.83 -0.25
C LYS B 201 34.42 -23.25 -0.99
N ILE B 202 34.18 -21.96 -0.82
CA ILE B 202 33.05 -21.35 -1.51
C ILE B 202 33.33 -21.21 -3.00
N GLU B 203 34.55 -20.77 -3.33
CA GLU B 203 34.98 -20.67 -4.72
C GLU B 203 34.90 -22.05 -5.39
N GLU B 204 35.34 -23.07 -4.66
CA GLU B 204 35.27 -24.43 -5.15
C GLU B 204 33.83 -24.79 -5.49
N LEU B 205 32.89 -24.34 -4.65
CA LEU B 205 31.48 -24.62 -4.81
C LEU B 205 30.97 -23.88 -6.03
N ARG B 206 31.38 -22.62 -6.17
CA ARG B 206 30.92 -21.77 -7.27
C ARG B 206 31.26 -22.43 -8.60
N GLN B 207 32.42 -23.06 -8.65
CA GLN B 207 32.88 -23.73 -9.85
C GLN B 207 31.98 -24.90 -10.20
N HIS B 208 31.58 -25.67 -9.20
CA HIS B 208 30.59 -26.73 -9.42
C HIS B 208 29.32 -26.15 -9.99
N LEU B 209 28.80 -25.12 -9.32
CA LEU B 209 27.57 -24.47 -9.77
C LEU B 209 27.75 -23.97 -11.20
N LEU B 210 28.94 -23.43 -11.47
CA LEU B 210 29.28 -22.82 -12.75
C LEU B 210 29.12 -23.76 -13.94
N ARG B 211 29.33 -25.06 -13.71
CA ARG B 211 29.22 -26.02 -14.79
C ARG B 211 27.76 -26.33 -15.06
N TRP B 212 26.86 -25.74 -14.29
CA TRP B 212 25.44 -25.99 -14.50
C TRP B 212 24.67 -24.70 -14.76
N GLY B 213 25.39 -23.63 -15.02
CA GLY B 213 24.76 -22.37 -15.38
C GLY B 213 24.33 -21.50 -14.20
N LEU B 214 25.08 -21.58 -13.10
CA LEU B 214 24.78 -20.79 -11.92
C LEU B 214 25.95 -19.88 -11.55
N THR B 215 26.16 -18.82 -12.35
CA THR B 215 27.24 -17.87 -12.11
C THR B 215 26.92 -16.94 -10.93
N TYR B 232 27.83 -12.77 0.73
CA TYR B 232 28.37 -12.19 1.96
C TYR B 232 28.42 -13.22 3.10
N GLU B 233 29.19 -12.91 4.16
CA GLU B 233 29.42 -13.85 5.27
C GLU B 233 28.67 -13.59 6.59
N LEU B 234 27.90 -14.58 7.01
CA LEU B 234 27.27 -14.61 8.33
C LEU B 234 28.13 -15.38 9.32
N HIS B 235 28.00 -15.04 10.59
CA HIS B 235 28.71 -15.76 11.64
C HIS B 235 27.77 -16.10 12.79
N PRO B 236 26.95 -17.16 12.61
CA PRO B 236 25.85 -17.52 13.49
C PRO B 236 26.25 -17.80 14.95
N ASP B 237 27.50 -18.22 15.15
CA ASP B 237 28.06 -18.33 16.50
C ASP B 237 27.94 -17.01 17.23
N LYS B 238 28.41 -15.96 16.57
CA LYS B 238 28.45 -14.63 17.17
C LYS B 238 27.05 -14.18 17.55
N TRP B 239 26.06 -14.95 17.11
CA TRP B 239 24.67 -14.60 17.38
C TRP B 239 24.30 -14.98 18.81
N THR B 240 23.94 -13.96 19.58
CA THR B 240 23.57 -14.12 20.98
C THR B 240 22.48 -13.14 21.36
N VAL B 241 21.73 -13.46 22.42
CA VAL B 241 20.61 -12.64 22.86
C VAL B 241 20.96 -11.16 22.99
N GLN B 242 19.97 -10.31 22.71
CA GLN B 242 19.98 -8.96 23.24
C GLN B 242 19.15 -8.97 24.53
N PRO B 243 19.79 -9.31 25.65
CA PRO B 243 19.02 -9.42 26.89
C PRO B 243 18.41 -8.08 27.30
N ILE B 244 17.20 -8.12 27.85
CA ILE B 244 16.64 -6.96 28.52
C ILE B 244 17.62 -6.56 29.61
N VAL B 245 18.08 -5.33 29.56
CA VAL B 245 19.22 -4.93 30.39
C VAL B 245 18.81 -4.04 31.54
N LEU B 246 19.07 -4.53 32.76
CA LEU B 246 18.78 -3.76 33.95
C LEU B 246 19.99 -2.91 34.29
N PRO B 247 19.79 -1.59 34.41
CA PRO B 247 20.93 -0.70 34.65
C PRO B 247 21.73 -1.10 35.89
N GLU B 248 22.94 -0.55 35.98
CA GLU B 248 23.84 -0.76 37.11
C GLU B 248 24.18 0.62 37.65
N LYS B 249 23.35 1.16 38.53
CA LYS B 249 23.41 2.58 38.80
C LYS B 249 24.00 2.99 40.15
N ASP B 250 24.28 4.29 40.24
CA ASP B 250 25.12 4.87 41.26
C ASP B 250 24.29 5.25 42.49
N SER B 251 23.43 6.25 42.32
CA SER B 251 22.27 6.43 43.19
C SER B 251 21.00 6.19 42.38
N TRP B 252 20.01 5.55 42.98
CA TRP B 252 18.75 5.29 42.31
C TRP B 252 17.70 6.30 42.73
N THR B 253 16.94 6.83 41.78
CA THR B 253 15.79 7.67 42.12
C THR B 253 14.53 6.85 42.19
N VAL B 254 13.49 7.45 42.75
CA VAL B 254 12.17 6.84 42.70
C VAL B 254 11.82 6.56 41.25
N ASN B 255 11.89 7.59 40.42
CA ASN B 255 11.67 7.44 38.99
C ASN B 255 12.47 6.27 38.41
N ASP B 256 13.73 6.14 38.81
CA ASP B 256 14.60 5.09 38.28
C ASP B 256 14.12 3.70 38.68
N ILE B 257 13.70 3.57 39.93
CA ILE B 257 13.25 2.27 40.45
C ILE B 257 11.89 1.93 39.86
N GLN B 258 11.08 2.96 39.69
CA GLN B 258 9.79 2.84 39.02
C GLN B 258 9.95 2.33 37.58
N LYS B 259 10.94 2.84 36.86
CA LYS B 259 11.23 2.35 35.51
C LYS B 259 11.76 0.93 35.57
N LEU B 260 12.45 0.61 36.66
CA LEU B 260 13.03 -0.72 36.85
C LEU B 260 11.95 -1.76 37.13
N VAL B 261 10.97 -1.38 37.94
CA VAL B 261 9.86 -2.27 38.24
C VAL B 261 9.01 -2.50 37.01
N GLY B 262 8.72 -1.43 36.27
CA GLY B 262 7.96 -1.56 35.06
C GLY B 262 8.62 -2.53 34.10
N LYS B 263 9.93 -2.38 33.92
CA LYS B 263 10.67 -3.24 33.02
C LYS B 263 10.66 -4.69 33.50
N LEU B 264 10.81 -4.90 34.81
CA LEU B 264 10.82 -6.25 35.38
C LEU B 264 9.42 -6.84 35.35
N ASN B 265 8.43 -5.96 35.47
CA ASN B 265 7.05 -6.39 35.38
C ASN B 265 6.72 -6.87 33.99
N TRP B 266 7.34 -6.27 32.99
CA TRP B 266 7.24 -6.75 31.61
C TRP B 266 7.92 -8.11 31.48
N ALA B 267 9.15 -8.22 31.96
CA ALA B 267 9.89 -9.47 31.87
C ALA B 267 9.09 -10.65 32.40
N SER B 268 8.33 -10.41 33.47
CA SER B 268 7.67 -11.51 34.20
C SER B 268 6.55 -12.16 33.39
N GLN B 269 6.07 -11.49 32.35
CA GLN B 269 5.16 -12.14 31.41
C GLN B 269 5.94 -13.18 30.60
N ILE B 270 7.25 -12.99 30.50
CA ILE B 270 8.06 -13.76 29.56
C ILE B 270 8.93 -14.79 30.27
N TYR B 271 9.71 -14.34 31.24
CA TYR B 271 10.69 -15.20 31.89
C TYR B 271 10.19 -15.70 33.23
N PRO B 272 9.88 -17.01 33.33
CA PRO B 272 9.51 -17.50 34.66
C PRO B 272 10.59 -17.25 35.72
N GLY B 273 10.18 -16.71 36.87
CA GLY B 273 11.08 -16.60 38.01
C GLY B 273 11.46 -15.18 38.37
N ILE B 274 10.97 -14.21 37.59
CA ILE B 274 11.30 -12.80 37.82
C ILE B 274 10.56 -12.27 39.04
N LYS B 275 11.29 -11.70 39.98
CA LYS B 275 10.69 -11.22 41.22
C LYS B 275 10.93 -9.73 41.43
N VAL B 276 9.95 -9.08 42.07
CA VAL B 276 9.89 -7.63 42.10
C VAL B 276 9.62 -7.08 43.50
N ARG B 277 9.15 -7.95 44.39
CA ARG B 277 8.76 -7.52 45.73
C ARG B 277 9.83 -6.66 46.41
N GLN B 278 11.02 -7.23 46.58
CA GLN B 278 12.07 -6.57 47.34
C GLN B 278 12.31 -5.16 46.82
N LEU B 279 12.09 -4.97 45.53
CA LEU B 279 12.43 -3.70 44.90
C LEU B 279 11.35 -2.66 45.13
N CYS B 280 10.09 -3.05 44.95
CA CYS B 280 9.01 -2.08 45.06
C CYS B 280 8.67 -1.79 46.52
N LYS B 281 9.15 -2.64 47.42
CA LYS B 281 9.11 -2.31 48.84
C LYS B 281 9.76 -0.95 49.04
N LEU B 282 10.74 -0.64 48.19
CA LEU B 282 11.46 0.63 48.27
C LEU B 282 10.55 1.81 47.95
N LEU B 283 9.64 1.60 47.01
CA LEU B 283 8.71 2.63 46.59
C LEU B 283 7.50 2.64 47.51
N ARG B 284 7.69 3.18 48.71
CA ARG B 284 6.65 3.15 49.72
C ARG B 284 6.22 4.56 50.11
N GLY B 285 4.91 4.80 50.10
CA GLY B 285 4.40 6.14 50.35
C GLY B 285 4.14 6.86 49.04
N THR B 286 4.08 8.18 49.08
CA THR B 286 3.93 8.96 47.85
C THR B 286 5.12 9.91 47.69
N LYS B 287 6.17 9.42 47.04
CA LYS B 287 7.45 10.11 47.04
C LYS B 287 7.65 10.96 45.77
N ALA B 288 8.52 11.96 45.88
CA ALA B 288 8.89 12.77 44.73
C ALA B 288 9.74 11.93 43.78
N LEU B 289 9.57 12.16 42.48
CA LEU B 289 10.21 11.31 41.48
C LEU B 289 11.74 11.43 41.52
N THR B 290 12.22 12.63 41.83
CA THR B 290 13.66 12.92 41.78
C THR B 290 14.41 12.47 43.03
N GLU B 291 13.71 11.86 43.97
CA GLU B 291 14.31 11.55 45.27
C GLU B 291 15.23 10.35 45.20
N VAL B 292 16.37 10.44 45.87
CA VAL B 292 17.31 9.34 45.93
C VAL B 292 17.04 8.42 47.11
N ILE B 293 16.71 7.17 46.80
CA ILE B 293 16.43 6.17 47.82
C ILE B 293 17.45 5.03 47.78
N PRO B 294 18.11 4.77 48.92
CA PRO B 294 19.15 3.74 49.00
C PRO B 294 18.63 2.35 48.74
N LEU B 295 19.48 1.47 48.22
CA LEU B 295 19.08 0.12 47.85
C LEU B 295 19.24 -0.92 48.97
N THR B 296 18.18 -1.70 49.16
CA THR B 296 18.15 -2.75 50.17
C THR B 296 19.12 -3.87 49.85
N GLU B 297 19.57 -4.55 50.90
CA GLU B 297 20.35 -5.76 50.78
C GLU B 297 19.60 -6.73 49.89
N GLU B 298 18.29 -6.77 50.08
CA GLU B 298 17.44 -7.72 49.40
C GLU B 298 17.12 -7.31 47.97
N ALA B 299 16.91 -6.02 47.76
CA ALA B 299 16.61 -5.53 46.42
C ALA B 299 17.79 -5.83 45.51
N GLU B 300 19.00 -5.65 46.03
CA GLU B 300 20.21 -5.82 45.25
C GLU B 300 20.47 -7.29 44.92
N LEU B 301 19.97 -8.18 45.77
CA LEU B 301 20.06 -9.60 45.50
C LEU B 301 19.01 -10.00 44.46
N GLU B 302 17.80 -9.51 44.66
CA GLU B 302 16.71 -9.72 43.70
C GLU B 302 17.16 -9.23 42.33
N LEU B 303 17.65 -8.00 42.29
CA LEU B 303 18.11 -7.39 41.05
C LEU B 303 19.16 -8.27 40.37
N ALA B 304 20.06 -8.82 41.16
CA ALA B 304 21.14 -9.63 40.63
C ALA B 304 20.58 -10.95 40.10
N GLU B 305 19.68 -11.56 40.87
CA GLU B 305 19.10 -12.84 40.50
C GLU B 305 18.22 -12.71 39.25
N ASN B 306 17.66 -11.53 39.03
CA ASN B 306 16.87 -11.28 37.84
C ASN B 306 17.75 -11.12 36.60
N ARG B 307 18.86 -10.39 36.76
CA ARG B 307 19.82 -10.20 35.68
C ARG B 307 20.40 -11.52 35.20
N GLU B 308 20.55 -12.48 36.11
CA GLU B 308 20.91 -13.84 35.73
C GLU B 308 19.91 -14.36 34.72
N ILE B 309 18.63 -14.19 35.04
CA ILE B 309 17.57 -14.83 34.29
C ILE B 309 17.43 -14.26 32.89
N LEU B 310 17.59 -12.95 32.76
CA LEU B 310 17.44 -12.30 31.46
C LEU B 310 18.57 -12.65 30.48
N LYS B 311 19.72 -13.04 31.02
CA LYS B 311 20.88 -13.40 30.21
C LYS B 311 20.60 -14.69 29.41
N GLU B 312 19.84 -15.59 30.02
CA GLU B 312 19.61 -16.92 29.46
C GLU B 312 18.42 -16.97 28.51
N PRO B 313 18.24 -18.10 27.82
CA PRO B 313 17.03 -18.27 26.99
C PRO B 313 15.74 -18.44 27.81
N VAL B 314 14.60 -18.20 27.18
CA VAL B 314 13.31 -18.28 27.88
C VAL B 314 12.93 -19.73 28.13
N HIS B 315 12.63 -20.03 29.38
CA HIS B 315 12.21 -21.38 29.74
C HIS B 315 10.76 -21.58 29.34
N GLY B 316 10.51 -22.61 28.54
CA GLY B 316 9.14 -22.96 28.21
C GLY B 316 8.74 -22.56 26.81
N VAL B 317 9.59 -21.77 26.16
CA VAL B 317 9.29 -21.31 24.80
C VAL B 317 10.04 -22.14 23.76
N TYR B 318 9.30 -22.65 22.80
CA TYR B 318 9.85 -23.57 21.81
C TYR B 318 9.31 -23.26 20.43
N TYR B 319 10.09 -23.62 19.41
CA TYR B 319 9.71 -23.36 18.03
C TYR B 319 8.68 -24.39 17.57
N ASP B 320 7.52 -23.88 17.16
CA ASP B 320 6.50 -24.72 16.57
C ASP B 320 6.57 -24.54 15.06
N PRO B 321 7.01 -25.57 14.33
CA PRO B 321 7.16 -25.51 12.88
C PRO B 321 5.87 -25.32 12.09
N SER B 322 4.73 -25.56 12.73
CA SER B 322 3.45 -25.43 12.06
C SER B 322 2.95 -24.00 12.16
N LYS B 323 3.59 -23.21 13.01
CA LYS B 323 3.12 -21.87 13.29
C LYS B 323 3.91 -20.84 12.48
N ASP B 324 3.30 -19.69 12.23
CA ASP B 324 4.00 -18.57 11.61
C ASP B 324 4.95 -17.88 12.59
N LEU B 325 6.05 -17.35 12.05
CA LEU B 325 6.96 -16.53 12.84
C LEU B 325 6.51 -15.07 12.75
N ILE B 326 6.64 -14.34 13.85
CA ILE B 326 6.30 -12.91 13.88
C ILE B 326 7.56 -12.14 14.29
N ALA B 327 7.71 -10.92 13.82
CA ALA B 327 8.84 -10.09 14.27
C ALA B 327 8.41 -8.65 14.56
N GLU B 328 8.75 -8.15 15.74
CA GLU B 328 8.49 -6.76 16.06
C GLU B 328 9.78 -5.93 16.08
N ILE B 329 9.72 -4.71 15.55
CA ILE B 329 10.86 -3.83 15.54
C ILE B 329 10.50 -2.52 16.23
N GLN B 330 11.34 -2.09 17.16
CA GLN B 330 11.16 -0.77 17.76
C GLN B 330 12.27 0.15 17.28
N LYS B 331 11.91 1.39 16.98
CA LYS B 331 12.90 2.41 16.70
C LYS B 331 13.42 2.99 18.01
N GLN B 332 14.72 2.84 18.27
CA GLN B 332 15.31 3.32 19.51
C GLN B 332 15.92 4.71 19.41
N GLY B 333 16.02 5.25 18.19
CA GLY B 333 16.73 6.50 18.00
C GLY B 333 18.21 6.29 17.85
N GLN B 334 18.92 7.32 17.42
CA GLN B 334 20.37 7.26 17.23
C GLN B 334 20.81 6.07 16.40
N GLY B 335 19.97 5.71 15.41
CA GLY B 335 20.33 4.65 14.49
C GLY B 335 20.30 3.24 15.07
N GLN B 336 19.67 3.08 16.24
CA GLN B 336 19.52 1.76 16.86
C GLN B 336 18.09 1.25 16.76
N TRP B 337 17.96 -0.05 16.56
CA TRP B 337 16.67 -0.67 16.37
C TRP B 337 16.63 -1.99 17.10
N THR B 338 15.59 -2.19 17.88
CA THR B 338 15.45 -3.46 18.58
C THR B 338 14.42 -4.35 17.90
N TYR B 339 14.59 -5.65 18.05
CA TYR B 339 13.60 -6.57 17.52
C TYR B 339 13.43 -7.84 18.35
N GLN B 340 12.25 -8.42 18.28
CA GLN B 340 11.98 -9.71 18.91
C GLN B 340 11.26 -10.61 17.91
N ILE B 341 11.54 -11.90 17.98
CA ILE B 341 10.86 -12.88 17.16
C ILE B 341 10.11 -13.89 18.04
N TYR B 342 8.84 -14.12 17.71
CA TYR B 342 8.00 -15.05 18.47
C TYR B 342 6.90 -15.63 17.60
N GLN B 343 6.28 -16.69 18.08
CA GLN B 343 5.13 -17.23 17.39
C GLN B 343 3.83 -16.89 18.14
N GLU B 344 3.89 -16.98 19.46
CA GLU B 344 2.83 -16.41 20.30
C GLU B 344 3.37 -15.23 21.09
N PRO B 345 2.60 -14.13 21.15
CA PRO B 345 3.03 -12.86 21.73
C PRO B 345 3.71 -12.98 23.11
N PHE B 346 4.94 -12.47 23.16
CA PHE B 346 5.71 -12.45 24.41
C PHE B 346 6.53 -13.69 24.70
N LYS B 347 6.23 -14.77 24.00
CA LYS B 347 7.08 -15.95 24.11
C LYS B 347 8.21 -15.87 23.10
N ASN B 348 9.23 -15.08 23.44
CA ASN B 348 10.31 -14.75 22.51
C ASN B 348 11.23 -15.92 22.20
N LEU B 349 11.42 -16.18 20.91
CA LEU B 349 12.40 -17.17 20.47
C LEU B 349 13.77 -16.51 20.30
N LYS B 350 13.77 -15.23 19.95
CA LYS B 350 14.99 -14.48 19.78
C LYS B 350 14.69 -13.02 19.95
N THR B 351 15.64 -12.27 20.52
CA THR B 351 15.54 -10.82 20.56
C THR B 351 16.90 -10.31 20.16
N GLY B 352 16.96 -9.10 19.61
CA GLY B 352 18.20 -8.63 19.05
C GLY B 352 18.24 -7.15 18.84
N LYS B 353 19.35 -6.72 18.25
CA LYS B 353 19.63 -5.31 18.03
C LYS B 353 20.23 -5.16 16.64
N TYR B 354 19.87 -4.08 15.96
CA TYR B 354 20.54 -3.70 14.72
C TYR B 354 20.85 -2.21 14.80
N ALA B 355 22.02 -1.82 14.33
CA ALA B 355 22.41 -0.41 14.41
C ALA B 355 23.18 0.14 13.19
N ARG B 356 23.03 1.44 12.95
CA ARG B 356 23.83 2.15 11.96
C ARG B 356 23.68 1.52 10.58
N HIS B 361 23.28 7.02 6.32
CA HIS B 361 21.89 7.29 6.66
C HIS B 361 21.76 8.23 7.86
N THR B 362 21.03 9.32 7.65
CA THR B 362 20.12 9.84 8.67
C THR B 362 18.72 9.47 8.19
N ASN B 363 18.63 8.27 7.61
CA ASN B 363 17.44 7.83 6.90
C ASN B 363 16.73 6.69 7.62
N ASP B 364 15.56 6.98 8.20
CA ASP B 364 14.81 5.99 8.97
C ASP B 364 14.40 4.78 8.14
N VAL B 365 13.97 5.01 6.91
CA VAL B 365 13.47 3.92 6.06
C VAL B 365 14.60 3.06 5.53
N LYS B 366 15.77 3.66 5.30
CA LYS B 366 16.91 2.88 4.85
C LYS B 366 17.32 1.89 5.93
N GLN B 367 17.43 2.39 7.16
CA GLN B 367 17.82 1.56 8.28
C GLN B 367 16.80 0.46 8.54
N LEU B 368 15.51 0.84 8.54
CA LEU B 368 14.46 -0.11 8.82
C LEU B 368 14.55 -1.25 7.82
N THR B 369 14.71 -0.88 6.54
CA THR B 369 14.90 -1.85 5.47
C THR B 369 16.06 -2.80 5.71
N GLU B 370 17.17 -2.26 6.20
CA GLU B 370 18.32 -3.07 6.52
C GLU B 370 18.02 -4.06 7.65
N ALA B 371 17.31 -3.59 8.66
CA ALA B 371 17.03 -4.38 9.85
C ALA B 371 16.10 -5.54 9.50
N VAL B 372 15.14 -5.28 8.61
CA VAL B 372 14.22 -6.32 8.18
C VAL B 372 14.95 -7.42 7.40
N GLN B 373 15.83 -7.05 6.47
CA GLN B 373 16.58 -8.04 5.70
C GLN B 373 17.52 -8.84 6.60
N LYS B 374 18.19 -8.14 7.50
CA LYS B 374 19.05 -8.84 8.42
C LYS B 374 18.24 -9.84 9.25
N ILE B 375 17.14 -9.38 9.85
CA ILE B 375 16.27 -10.24 10.67
C ILE B 375 15.74 -11.42 9.86
N THR B 376 15.26 -11.15 8.66
CA THR B 376 14.77 -12.22 7.79
C THR B 376 15.84 -13.28 7.56
N THR B 377 17.06 -12.82 7.27
CA THR B 377 18.19 -13.72 6.99
C THR B 377 18.50 -14.61 8.18
N GLU B 378 18.57 -14.02 9.37
CA GLU B 378 18.84 -14.81 10.55
C GLU B 378 17.71 -15.80 10.72
N SER B 379 16.49 -15.35 10.47
CA SER B 379 15.34 -16.20 10.60
C SER B 379 15.45 -17.40 9.66
N ILE B 380 15.81 -17.17 8.40
CA ILE B 380 15.96 -18.26 7.44
C ILE B 380 17.03 -19.28 7.89
N VAL B 381 18.12 -18.79 8.45
CA VAL B 381 19.21 -19.67 8.89
C VAL B 381 18.75 -20.52 10.05
N ILE B 382 18.09 -19.89 11.02
CA ILE B 382 17.68 -20.58 12.22
C ILE B 382 16.50 -21.51 11.99
N TRP B 383 15.43 -21.02 11.39
CA TRP B 383 14.20 -21.80 11.29
C TRP B 383 13.83 -22.29 9.88
N GLY B 384 14.49 -21.78 8.85
CA GLY B 384 14.04 -22.08 7.51
C GLY B 384 12.74 -21.37 7.15
N LYS B 385 12.42 -20.30 7.87
CA LYS B 385 11.17 -19.57 7.68
C LYS B 385 11.40 -18.07 7.73
N THR B 386 10.60 -17.34 6.97
CA THR B 386 10.58 -15.88 7.03
C THR B 386 9.45 -15.46 7.96
N PRO B 387 9.71 -14.48 8.83
CA PRO B 387 8.71 -13.90 9.75
C PRO B 387 7.76 -12.93 9.05
N LYS B 388 6.59 -12.70 9.63
CA LYS B 388 5.77 -11.55 9.22
C LYS B 388 6.14 -10.41 10.13
N PHE B 389 6.48 -9.27 9.54
CA PHE B 389 6.97 -8.15 10.34
C PHE B 389 5.89 -7.18 10.79
N LYS B 390 5.97 -6.76 12.04
CA LYS B 390 5.20 -5.62 12.51
C LYS B 390 6.04 -4.34 12.43
N LEU B 391 5.74 -3.51 11.44
CA LEU B 391 6.60 -2.36 11.09
C LEU B 391 6.10 -1.02 11.60
N PRO B 392 6.95 -0.33 12.38
CA PRO B 392 6.70 0.98 13.00
C PRO B 392 6.80 2.14 12.01
N ILE B 393 5.95 2.13 11.00
CA ILE B 393 6.02 3.12 9.94
C ILE B 393 4.67 3.16 9.22
N GLN B 394 4.32 4.33 8.68
CA GLN B 394 3.09 4.50 7.92
C GLN B 394 3.13 3.67 6.63
N LYS B 395 2.05 2.93 6.38
CA LYS B 395 2.00 2.02 5.25
C LYS B 395 2.51 2.64 3.95
N GLU B 396 2.03 3.84 3.66
CA GLU B 396 2.26 4.48 2.37
C GLU B 396 3.72 4.89 2.19
N THR B 397 4.30 5.47 3.24
CA THR B 397 5.73 5.80 3.24
C THR B 397 6.55 4.58 2.88
N TRP B 398 6.41 3.53 3.69
CA TRP B 398 7.10 2.27 3.43
C TRP B 398 6.79 1.78 2.02
N GLU B 399 5.52 1.87 1.62
CA GLU B 399 5.14 1.39 0.29
C GLU B 399 5.93 2.11 -0.78
N THR B 400 6.11 3.42 -0.61
CA THR B 400 6.78 4.20 -1.63
C THR B 400 8.28 3.94 -1.66
N TRP B 401 8.88 3.73 -0.49
CA TRP B 401 10.33 3.82 -0.40
C TRP B 401 11.14 2.53 -0.20
N TRP B 402 10.51 1.44 0.23
CA TRP B 402 11.29 0.27 0.60
C TRP B 402 12.19 -0.19 -0.55
N THR B 403 11.71 -0.02 -1.77
CA THR B 403 12.42 -0.49 -2.94
C THR B 403 13.75 0.22 -3.24
N GLU B 404 13.93 1.42 -2.71
CA GLU B 404 15.16 2.17 -2.98
C GLU B 404 16.39 1.54 -2.33
N TYR B 405 16.18 0.68 -1.33
CA TYR B 405 17.27 0.17 -0.53
C TYR B 405 17.29 -1.36 -0.42
N TRP B 406 16.21 -2.00 -0.87
CA TRP B 406 16.09 -3.45 -0.79
C TRP B 406 17.12 -4.16 -1.68
N GLN B 407 17.79 -5.17 -1.15
CA GLN B 407 18.74 -5.96 -1.94
C GLN B 407 18.42 -7.45 -1.98
N ALA B 408 17.53 -7.90 -1.11
CA ALA B 408 17.24 -9.32 -1.02
C ALA B 408 16.38 -9.77 -2.19
N THR B 409 16.32 -11.07 -2.45
CA THR B 409 15.56 -11.56 -3.59
C THR B 409 14.19 -12.05 -3.18
N TRP B 410 13.96 -12.16 -1.87
CA TRP B 410 12.65 -12.50 -1.35
C TRP B 410 12.01 -11.27 -0.71
N ILE B 411 10.75 -11.42 -0.33
CA ILE B 411 10.07 -10.39 0.42
C ILE B 411 9.24 -11.02 1.53
N PRO B 412 9.51 -10.62 2.78
CA PRO B 412 8.70 -11.14 3.89
C PRO B 412 7.30 -10.54 3.84
N GLU B 413 6.36 -11.17 4.53
CA GLU B 413 5.10 -10.50 4.79
C GLU B 413 5.26 -9.48 5.90
N TRP B 414 4.53 -8.37 5.76
CA TRP B 414 4.60 -7.34 6.75
C TRP B 414 3.27 -6.67 6.93
N GLU B 415 3.07 -6.09 8.10
CA GLU B 415 1.98 -5.17 8.33
C GLU B 415 2.53 -3.96 9.05
N PHE B 416 1.66 -3.02 9.38
CA PHE B 416 2.10 -1.73 9.86
C PHE B 416 1.47 -1.40 11.20
N VAL B 417 2.31 -0.98 12.13
CA VAL B 417 1.90 -0.92 13.52
C VAL B 417 2.40 0.37 14.17
N ASN B 418 1.63 0.88 15.13
CA ASN B 418 2.11 1.93 16.03
C ASN B 418 2.71 1.29 17.27
N THR B 419 4.00 1.56 17.53
CA THR B 419 4.67 0.95 18.67
C THR B 419 4.11 1.51 19.98
N PRO B 420 3.79 0.63 20.93
CA PRO B 420 3.46 1.10 22.29
C PRO B 420 4.71 1.73 22.84
N PRO B 421 4.62 2.98 23.30
CA PRO B 421 5.79 3.67 23.84
C PRO B 421 6.46 2.90 24.98
N LEU B 422 5.68 2.07 25.65
CA LEU B 422 6.20 1.23 26.73
C LEU B 422 7.19 0.19 26.20
N VAL B 423 6.73 -0.69 25.31
CA VAL B 423 7.58 -1.73 24.74
C VAL B 423 8.96 -1.22 24.27
N LYS B 424 8.96 -0.10 23.57
CA LYS B 424 10.21 0.50 23.09
C LYS B 424 11.17 0.75 24.23
N LEU B 425 10.64 1.20 25.36
CA LEU B 425 11.44 1.57 26.51
C LEU B 425 11.98 0.35 27.25
N TRP B 426 11.27 -0.77 27.14
CA TRP B 426 11.63 -1.95 27.89
C TRP B 426 12.72 -2.75 27.20
N TYR B 427 12.93 -2.47 25.92
CA TYR B 427 13.95 -3.17 25.14
C TYR B 427 15.13 -2.28 24.81
N GLN B 428 15.21 -1.12 25.47
CA GLN B 428 16.30 -0.20 25.22
C GLN B 428 17.61 -0.81 25.75
N LEU B 429 18.72 -0.17 25.42
CA LEU B 429 20.04 -0.70 25.77
C LEU B 429 20.81 0.25 26.69
C1 KRV C . -3.73 18.19 -25.05
C2 KRV C . -3.77 19.24 -26.20
N8 KRV C . -2.69 17.10 -25.30
C9 KRV C . -1.42 17.39 -24.97
N10 KRV C . -0.43 16.46 -25.16
C11 KRV C . -0.64 15.22 -25.69
C12 KRV C . -2.05 14.83 -26.08
C13 KRV C . -3.03 15.84 -25.86
C14 KRV C . -4.49 15.64 -26.19
O15 KRV C . -4.88 16.30 -27.17
C16 KRV C . -5.49 14.76 -25.46
C17 KRV C . -6.84 14.78 -25.96
C18 KRV C . -7.85 14.02 -25.34
C19 KRV C . -9.18 14.11 -25.90
N20 KRV C . -10.25 14.20 -26.36
C21 KRV C . -7.53 13.18 -24.19
C22 KRV C . -6.17 13.14 -23.68
C23 KRV C . -5.17 13.94 -24.33
C24 KRV C . -5.77 12.28 -22.48
C25 KRV C . -2.34 13.44 -26.69
C26 KRV C . -2.11 12.34 -25.61
C27 KRV C . -1.48 13.16 -27.96
O28 KRV C . 0.32 14.44 -25.81
O29 KRV C . -1.09 18.48 -24.48
S SO4 D . 9.15 18.82 45.56
O1 SO4 D . 9.56 18.69 44.16
O2 SO4 D . 9.78 17.74 46.34
O3 SO4 D . 7.68 18.72 45.63
O4 SO4 D . 9.57 20.14 46.04
S SO4 E . 5.90 25.20 42.82
O1 SO4 E . 5.45 24.50 41.60
O2 SO4 E . 4.91 25.01 43.89
O3 SO4 E . 6.03 26.63 42.53
O4 SO4 E . 7.22 24.64 43.21
S SO4 F . 8.14 14.40 49.70
O1 SO4 F . 7.60 15.64 49.10
O2 SO4 F . 8.65 14.71 51.05
O3 SO4 F . 9.24 13.89 48.85
O4 SO4 F . 7.08 13.38 49.80
S SO4 G . -14.78 13.65 24.70
O1 SO4 G . -16.13 13.23 25.15
O2 SO4 G . -14.44 14.95 25.30
O3 SO4 G . -14.77 13.78 23.23
O4 SO4 G . -13.79 12.63 25.12
S SO4 H . 26.90 -11.34 11.69
O1 SO4 H . 27.00 -12.78 11.46
O2 SO4 H . 28.25 -10.82 11.99
O3 SO4 H . 26.38 -10.68 10.48
O4 SO4 H . 26.01 -11.06 12.83
#